data_2ZWI
#
_entry.id   2ZWI
#
_cell.length_a   54.429
_cell.length_b   57.827
_cell.length_c   59.246
_cell.angle_alpha   90.06
_cell.angle_beta   106.76
_cell.angle_gamma   103.20
#
_symmetry.space_group_name_H-M   'P 1'
#
loop_
_entity.id
_entity.type
_entity.pdbx_description
1 polymer 'Alpha-/beta-galactoside alpha-2,3-sialyltransferase'
2 non-polymer "CYTIDINE-5'-MONOPHOSPHATE"
3 non-polymer 'ZINC ION'
4 non-polymer GLYCEROL
5 non-polymer 'CHLORIDE ION'
6 water water
#
_entity_poly.entity_id   1
_entity_poly.type   'polypeptide(L)'
_entity_poly.pdbx_seq_one_letter_code
;KNKTIEVYVDRATLPTIQQMTQIINENSNNKKLISWSRYPINDETLLESINGSFFKNRPELIKSLDSMILTNEIKKVIIN
GNTLWAVDVVNIIKSIEALGKKTEIELNFYDDGSAEYVRLYDFSRLPESEQEYKISLSKDNIQSSINGTQPFDNSIENIY
GFSQLYPTTYHMLRADIFETNLPLTSLKRVISNNIKQMKWDYFTTFNSQQKNKFYNFTGFNPEKIKEQYKASPHENFIFI
GTNSGTATAEQQIDILTEAKKPDSPIITNSIQGLDLFFKGHPSATYNQQIIDAHNMIEIYNKIPFEALIMTDALPDAVGG
MGSSVFFSLPNTVENKFIFYKSDTDIENNALIQVMIELNIVNRNDVKLISDLQ
;
_entity_poly.pdbx_strand_id   A,B
#
loop_
_chem_comp.id
_chem_comp.type
_chem_comp.name
_chem_comp.formula
C5P non-polymer CYTIDINE-5'-MONOPHOSPHATE 'C9 H14 N3 O8 P'
CL non-polymer 'CHLORIDE ION' 'Cl -1'
GOL non-polymer GLYCEROL 'C3 H8 O3'
ZN non-polymer 'ZINC ION' 'Zn 2'
#
# COMPACT_ATOMS: atom_id res chain seq x y z
N LYS A 1 -7.60 -15.84 31.40
CA LYS A 1 -6.73 -14.73 30.88
C LYS A 1 -6.26 -14.99 29.43
N ASN A 2 -7.21 -14.87 28.50
CA ASN A 2 -6.95 -15.12 27.09
C ASN A 2 -7.52 -14.01 26.19
N LYS A 3 -8.02 -12.95 26.81
CA LYS A 3 -8.65 -11.89 26.02
C LYS A 3 -7.73 -10.75 25.65
N THR A 4 -7.91 -10.24 24.42
CA THR A 4 -7.21 -9.05 24.00
CA THR A 4 -7.21 -9.08 23.93
C THR A 4 -8.20 -7.92 23.77
N ILE A 5 -7.88 -6.76 24.34
CA ILE A 5 -8.67 -5.55 24.16
C ILE A 5 -7.89 -4.65 23.21
N GLU A 6 -8.59 -4.09 22.22
CA GLU A 6 -8.01 -3.14 21.27
C GLU A 6 -8.47 -1.72 21.60
N VAL A 7 -7.52 -0.81 21.78
CA VAL A 7 -7.81 0.58 22.14
C VAL A 7 -7.50 1.45 20.92
N TYR A 8 -8.41 2.35 20.59
CA TYR A 8 -8.27 3.24 19.44
C TYR A 8 -8.47 4.68 19.88
N VAL A 9 -7.42 5.50 19.74
CA VAL A 9 -7.47 6.92 20.10
C VAL A 9 -6.85 7.81 19.02
N ASP A 10 -7.42 9.01 18.86
CA ASP A 10 -6.92 10.03 17.93
C ASP A 10 -7.60 11.38 18.18
N ARG A 11 -6.83 12.44 17.98
CA ARG A 11 -7.31 13.82 18.08
C ARG A 11 -7.55 14.44 16.73
N ALA A 12 -6.91 13.89 15.70
CA ALA A 12 -6.95 14.47 14.35
C ALA A 12 -7.91 13.69 13.46
N THR A 13 -7.54 13.48 12.19
CA THR A 13 -8.40 12.68 11.30
C THR A 13 -7.69 11.52 10.61
N LEU A 14 -6.41 11.72 10.24
CA LEU A 14 -5.68 10.72 9.46
C LEU A 14 -5.55 9.41 10.23
N PRO A 15 -5.03 9.44 11.48
CA PRO A 15 -5.01 8.18 12.25
C PRO A 15 -6.38 7.53 12.43
N THR A 16 -7.44 8.33 12.58
CA THR A 16 -8.77 7.80 12.75
C THR A 16 -9.18 7.03 11.50
N ILE A 17 -9.00 7.64 10.33
CA ILE A 17 -9.40 7.05 9.06
C ILE A 17 -8.64 5.73 8.78
N GLN A 18 -7.33 5.75 9.03
CA GLN A 18 -6.50 4.55 8.96
C GLN A 18 -6.89 3.50 10.01
N GLN A 19 -7.22 3.93 11.21
CA GLN A 19 -7.67 3.01 12.25
C GLN A 19 -9.01 2.36 11.88
N MET A 20 -9.96 3.17 11.42
CA MET A 20 -11.26 2.62 10.95
C MET A 20 -11.02 1.55 9.89
N THR A 21 -10.15 1.87 8.93
CA THR A 21 -9.88 0.95 7.82
C THR A 21 -9.26 -0.38 8.28
N GLN A 22 -8.33 -0.33 9.23
CA GLN A 22 -7.73 -1.55 9.79
C GLN A 22 -8.74 -2.42 10.54
N ILE A 23 -9.60 -1.78 11.33
CA ILE A 23 -10.67 -2.49 12.06
C ILE A 23 -11.50 -3.26 11.04
N ILE A 24 -11.91 -2.58 9.98
CA ILE A 24 -12.74 -3.16 8.92
C ILE A 24 -11.99 -4.30 8.20
N ASN A 25 -10.72 -4.06 7.89
CA ASN A 25 -9.92 -5.05 7.17
C ASN A 25 -9.72 -6.31 7.98
N GLU A 26 -9.40 -6.13 9.26
CA GLU A 26 -9.12 -7.25 10.16
C GLU A 26 -10.36 -8.03 10.60
N ASN A 27 -11.48 -7.34 10.75
CA ASN A 27 -12.74 -7.98 11.17
C ASN A 27 -12.54 -8.88 12.40
N SER A 28 -11.86 -8.36 13.41
CA SER A 28 -11.60 -9.13 14.63
C SER A 28 -12.82 -9.03 15.53
N ASN A 29 -12.99 -10.01 16.41
CA ASN A 29 -14.05 -9.94 17.42
C ASN A 29 -13.55 -9.55 18.82
N ASN A 30 -12.31 -9.07 18.91
CA ASN A 30 -11.83 -8.53 20.19
C ASN A 30 -12.66 -7.33 20.59
N LYS A 31 -12.85 -7.15 21.90
CA LYS A 31 -13.52 -5.96 22.42
CA LYS A 31 -13.51 -5.96 22.43
C LYS A 31 -12.69 -4.73 22.05
N LYS A 32 -13.36 -3.68 21.60
CA LYS A 32 -12.66 -2.45 21.19
C LYS A 32 -13.16 -1.27 22.02
N LEU A 33 -12.21 -0.46 22.50
CA LEU A 33 -12.49 0.78 23.22
C LEU A 33 -12.00 1.96 22.38
N ILE A 34 -12.91 2.86 22.02
CA ILE A 34 -12.64 3.86 20.99
C ILE A 34 -12.89 5.30 21.50
N SER A 35 -11.94 6.19 21.23
CA SER A 35 -12.13 7.60 21.53
C SER A 35 -11.47 8.44 20.45
N TRP A 36 -12.29 8.89 19.50
CA TRP A 36 -11.84 9.70 18.37
C TRP A 36 -12.46 11.09 18.49
N SER A 37 -11.62 12.11 18.65
CA SER A 37 -12.09 13.49 18.82
C SER A 37 -12.99 13.98 17.69
N ARG A 38 -12.63 13.67 16.45
CA ARG A 38 -13.31 14.22 15.28
C ARG A 38 -14.41 13.29 14.76
N TYR A 39 -14.51 12.10 15.34
CA TYR A 39 -15.48 11.12 14.89
C TYR A 39 -16.24 10.45 16.03
N PRO A 40 -17.13 11.18 16.73
CA PRO A 40 -17.96 10.51 17.72
C PRO A 40 -18.94 9.52 17.08
N ILE A 41 -18.95 8.29 17.58
CA ILE A 41 -19.77 7.22 17.03
C ILE A 41 -20.91 6.94 18.02
N ASN A 42 -22.12 7.32 17.62
CA ASN A 42 -23.33 7.08 18.41
C ASN A 42 -24.18 5.95 17.79
N ASP A 43 -23.72 5.44 16.65
CA ASP A 43 -24.41 4.36 15.94
C ASP A 43 -24.17 3.03 16.63
N GLU A 44 -25.16 2.56 17.38
CA GLU A 44 -25.01 1.37 18.19
C GLU A 44 -24.94 0.07 17.41
N THR A 45 -25.66 0.01 16.30
CA THR A 45 -25.60 -1.11 15.37
C THR A 45 -24.19 -1.25 14.79
N LEU A 46 -23.63 -0.13 14.34
CA LEU A 46 -22.24 -0.08 13.88
C LEU A 46 -21.30 -0.56 14.99
N LEU A 47 -21.43 0.01 16.19
CA LEU A 47 -20.56 -0.35 17.31
C LEU A 47 -20.68 -1.84 17.67
N GLU A 48 -21.90 -2.36 17.68
CA GLU A 48 -22.10 -3.78 17.97
C GLU A 48 -21.48 -4.72 16.91
N SER A 49 -21.47 -4.27 15.66
CA SER A 49 -20.86 -5.04 14.58
C SER A 49 -19.33 -5.15 14.68
N ILE A 50 -18.70 -4.24 15.42
CA ILE A 50 -17.25 -4.31 15.68
C ILE A 50 -16.90 -4.69 17.13
N ASN A 51 -17.92 -4.91 17.96
CA ASN A 51 -17.74 -5.18 19.39
C ASN A 51 -17.06 -4.00 20.09
N GLY A 52 -17.51 -2.80 19.77
CA GLY A 52 -16.87 -1.61 20.29
C GLY A 52 -17.70 -0.83 21.27
N SER A 53 -17.01 -0.06 22.11
CA SER A 53 -17.60 1.00 22.93
C SER A 53 -16.90 2.31 22.58
N PHE A 54 -17.68 3.38 22.50
CA PHE A 54 -17.15 4.71 22.26
C PHE A 54 -17.15 5.54 23.53
N PHE A 55 -16.08 6.29 23.72
CA PHE A 55 -15.87 7.15 24.88
C PHE A 55 -15.60 8.55 24.38
N LYS A 56 -16.28 9.53 24.97
CA LYS A 56 -16.14 10.92 24.57
C LYS A 56 -14.79 11.51 24.95
N ASN A 57 -14.15 10.94 25.97
CA ASN A 57 -12.82 11.40 26.37
C ASN A 57 -11.90 10.29 26.90
N ARG A 58 -10.61 10.60 26.95
CA ARG A 58 -9.57 9.68 27.42
C ARG A 58 -9.75 9.18 28.87
N PRO A 59 -10.04 10.08 29.84
CA PRO A 59 -10.22 9.53 31.18
C PRO A 59 -11.41 8.54 31.33
N GLU A 60 -12.49 8.72 30.55
CA GLU A 60 -13.59 7.74 30.58
C GLU A 60 -13.16 6.38 30.00
N LEU A 61 -12.42 6.41 28.90
CA LEU A 61 -11.94 5.17 28.27
C LEU A 61 -11.04 4.40 29.23
N ILE A 62 -10.12 5.12 29.87
CA ILE A 62 -9.19 4.53 30.82
C ILE A 62 -9.91 3.86 32.00
N LYS A 63 -10.96 4.50 32.51
CA LYS A 63 -11.80 3.95 33.58
C LYS A 63 -12.40 2.58 33.21
N SER A 64 -12.94 2.45 32.00
CA SER A 64 -13.50 1.19 31.51
C SER A 64 -12.41 0.17 31.21
N LEU A 65 -11.28 0.64 30.66
CA LEU A 65 -10.14 -0.24 30.41
C LEU A 65 -9.69 -0.90 31.72
N ASP A 66 -9.45 -0.08 32.73
CA ASP A 66 -8.99 -0.53 34.03
C ASP A 66 -9.92 -1.55 34.70
N SER A 67 -11.23 -1.31 34.64
CA SER A 67 -12.16 -2.27 35.26
C SER A 67 -12.12 -3.62 34.52
N MET A 68 -11.99 -3.58 33.20
CA MET A 68 -11.83 -4.83 32.42
C MET A 68 -10.58 -5.61 32.83
N ILE A 69 -9.46 -4.89 32.96
CA ILE A 69 -8.20 -5.51 33.39
C ILE A 69 -8.34 -6.10 34.80
N LEU A 70 -9.14 -5.45 35.65
CA LEU A 70 -9.34 -5.91 37.03
C LEU A 70 -10.08 -7.26 37.13
N THR A 71 -10.74 -7.68 36.06
CA THR A 71 -11.42 -8.98 36.00
C THR A 71 -10.43 -10.14 35.89
N ASN A 72 -9.17 -9.81 35.61
CA ASN A 72 -8.07 -10.78 35.46
C ASN A 72 -8.11 -11.57 34.15
N GLU A 73 -9.01 -11.20 33.27
CA GLU A 73 -9.24 -11.95 32.04
C GLU A 73 -8.47 -11.39 30.83
N ILE A 74 -7.75 -10.29 31.03
CA ILE A 74 -7.13 -9.58 29.93
C ILE A 74 -5.65 -9.97 29.75
N LYS A 75 -5.40 -10.74 28.70
CA LYS A 75 -4.04 -11.12 28.37
C LYS A 75 -3.23 -9.95 27.79
N LYS A 76 -3.85 -9.21 26.86
CA LYS A 76 -3.14 -8.20 26.08
CA LYS A 76 -3.14 -8.20 26.09
C LYS A 76 -4.01 -6.98 25.78
N VAL A 77 -3.37 -5.81 25.72
CA VAL A 77 -4.00 -4.59 25.21
C VAL A 77 -3.17 -4.08 24.03
N ILE A 78 -3.82 -3.92 22.88
CA ILE A 78 -3.22 -3.26 21.73
C ILE A 78 -3.72 -1.82 21.72
N ILE A 79 -2.80 -0.86 21.84
CA ILE A 79 -3.17 0.55 21.80
C ILE A 79 -2.82 1.14 20.43
N ASN A 80 -3.83 1.72 19.78
CA ASN A 80 -3.68 2.34 18.48
C ASN A 80 -3.87 3.85 18.64
N GLY A 81 -2.84 4.62 18.29
CA GLY A 81 -2.83 6.06 18.56
C GLY A 81 -2.25 6.94 17.47
N ASN A 82 -2.01 8.19 17.84
CA ASN A 82 -1.54 9.24 16.96
C ASN A 82 -0.09 9.55 17.38
N THR A 83 0.86 9.40 16.47
CA THR A 83 2.28 9.55 16.78
C THR A 83 2.62 10.92 17.42
N LEU A 84 2.20 12.02 16.80
CA LEU A 84 2.44 13.34 17.37
C LEU A 84 1.89 13.43 18.81
N TRP A 85 0.72 12.83 19.01
CA TRP A 85 0.03 12.84 20.29
C TRP A 85 0.27 11.54 21.06
N ALA A 86 1.49 11.02 20.97
CA ALA A 86 1.87 9.82 21.73
C ALA A 86 1.59 9.99 23.23
N VAL A 87 1.51 11.24 23.70
CA VAL A 87 1.16 11.51 25.11
C VAL A 87 -0.13 10.80 25.54
N ASP A 88 -1.11 10.73 24.66
CA ASP A 88 -2.36 10.03 24.97
C ASP A 88 -2.10 8.54 25.21
N VAL A 89 -1.29 7.90 24.36
CA VAL A 89 -0.98 6.49 24.63
C VAL A 89 -0.06 6.30 25.86
N VAL A 90 0.84 7.24 26.12
CA VAL A 90 1.61 7.25 27.39
C VAL A 90 0.70 7.12 28.62
N ASN A 91 -0.34 7.94 28.67
CA ASN A 91 -1.27 7.93 29.80
C ASN A 91 -2.12 6.66 29.90
N ILE A 92 -2.40 6.05 28.74
CA ILE A 92 -3.05 4.74 28.72
C ILE A 92 -2.10 3.66 29.24
N ILE A 93 -0.85 3.67 28.76
CA ILE A 93 0.17 2.73 29.25
C ILE A 93 0.39 2.86 30.78
N LYS A 94 0.58 4.11 31.23
CA LYS A 94 0.70 4.44 32.64
C LYS A 94 -0.42 3.77 33.49
N SER A 95 -1.66 3.89 33.03
CA SER A 95 -2.82 3.36 33.78
CA SER A 95 -2.82 3.36 33.78
C SER A 95 -2.82 1.83 33.84
N ILE A 96 -2.51 1.18 32.71
CA ILE A 96 -2.39 -0.29 32.65
C ILE A 96 -1.27 -0.83 33.56
N GLU A 97 -0.07 -0.27 33.42
CA GLU A 97 1.10 -0.68 34.22
C GLU A 97 0.91 -0.51 35.73
N ALA A 98 0.25 0.59 36.11
CA ALA A 98 -0.04 0.91 37.52
C ALA A 98 -0.78 -0.23 38.22
N LEU A 99 -1.76 -0.81 37.52
CA LEU A 99 -2.57 -1.90 38.04
C LEU A 99 -1.76 -3.15 38.40
N GLY A 100 -0.59 -3.31 37.79
CA GLY A 100 0.35 -4.40 38.09
C GLY A 100 -0.21 -5.79 37.83
N LYS A 101 -0.99 -5.92 36.76
CA LYS A 101 -1.69 -7.16 36.44
C LYS A 101 -0.97 -7.97 35.36
N LYS A 102 0.27 -7.59 35.06
CA LYS A 102 1.12 -8.27 34.07
C LYS A 102 0.44 -8.37 32.69
N THR A 103 -0.13 -7.24 32.26
CA THR A 103 -0.83 -7.16 30.99
C THR A 103 0.20 -6.94 29.89
N GLU A 104 0.09 -7.70 28.80
CA GLU A 104 0.94 -7.48 27.63
C GLU A 104 0.44 -6.22 26.94
N ILE A 105 1.37 -5.37 26.51
CA ILE A 105 1.02 -4.15 25.76
C ILE A 105 1.73 -4.11 24.41
N GLU A 106 0.97 -3.87 23.36
CA GLU A 106 1.51 -3.69 22.01
C GLU A 106 0.99 -2.39 21.44
N LEU A 107 1.79 -1.73 20.60
CA LEU A 107 1.49 -0.36 20.16
C LEU A 107 1.47 -0.24 18.65
N ASN A 108 0.48 0.48 18.15
CA ASN A 108 0.44 0.93 16.75
C ASN A 108 0.28 2.45 16.72
N PHE A 109 1.31 3.15 16.23
CA PHE A 109 1.26 4.61 16.07
C PHE A 109 1.04 5.00 14.61
N TYR A 110 0.07 5.87 14.36
CA TYR A 110 -0.22 6.38 13.03
C TYR A 110 0.14 7.85 12.95
N ASP A 111 0.94 8.25 11.96
CA ASP A 111 1.33 9.66 11.78
C ASP A 111 0.10 10.57 11.77
N ASP A 112 0.25 11.77 12.33
CA ASP A 112 -0.81 12.78 12.41
C ASP A 112 -0.97 13.53 11.07
N GLY A 113 0.14 13.77 10.38
CA GLY A 113 0.15 14.57 9.16
C GLY A 113 1.54 15.13 8.91
N SER A 114 1.59 16.38 8.45
CA SER A 114 2.85 17.03 8.09
C SER A 114 3.80 17.31 9.26
N ALA A 115 3.26 17.46 10.47
CA ALA A 115 4.06 17.79 11.66
C ALA A 115 5.19 16.80 11.93
N GLU A 116 4.91 15.50 11.86
CA GLU A 116 5.98 14.50 12.05
C GLU A 116 7.10 14.70 11.03
N TYR A 117 6.75 15.08 9.81
CA TYR A 117 7.71 15.21 8.70
C TYR A 117 8.52 16.49 8.77
N VAL A 118 7.89 17.56 9.27
CA VAL A 118 8.60 18.80 9.62
C VAL A 118 9.62 18.52 10.74
N ARG A 119 9.19 17.78 11.76
CA ARG A 119 10.06 17.41 12.86
C ARG A 119 11.21 16.48 12.42
N LEU A 120 10.91 15.52 11.55
CA LEU A 120 11.96 14.65 10.98
C LEU A 120 13.02 15.43 10.18
N TYR A 121 12.57 16.38 9.37
CA TYR A 121 13.50 17.22 8.63
C TYR A 121 14.41 18.00 9.59
N ASP A 122 13.81 18.64 10.58
CA ASP A 122 14.56 19.42 11.56
C ASP A 122 15.58 18.55 12.29
N PHE A 123 15.14 17.38 12.73
CA PHE A 123 16.00 16.42 13.41
C PHE A 123 17.16 15.98 12.52
N SER A 124 16.91 15.81 11.23
CA SER A 124 17.94 15.40 10.26
C SER A 124 19.02 16.47 10.05
N ARG A 125 18.71 17.72 10.39
CA ARG A 125 19.70 18.83 10.29
C ARG A 125 20.74 18.77 11.42
N LEU A 126 20.39 18.08 12.50
CA LEU A 126 21.27 17.95 13.67
CA LEU A 126 21.28 17.98 13.66
C LEU A 126 22.53 17.17 13.30
N PRO A 127 23.68 17.52 13.89
CA PRO A 127 24.81 16.65 13.57
C PRO A 127 24.56 15.22 14.08
N GLU A 128 25.15 14.24 13.41
CA GLU A 128 24.90 12.83 13.71
C GLU A 128 25.09 12.48 15.19
N SER A 129 26.16 12.98 15.80
CA SER A 129 26.41 12.73 17.21
C SER A 129 25.30 13.28 18.12
N GLU A 130 24.71 14.42 17.73
CA GLU A 130 23.63 15.01 18.51
C GLU A 130 22.33 14.22 18.36
N GLN A 131 22.06 13.74 17.14
CA GLN A 131 20.98 12.79 16.89
C GLN A 131 21.09 11.55 17.77
N GLU A 132 22.26 10.91 17.75
CA GLU A 132 22.50 9.71 18.57
C GLU A 132 22.32 10.00 20.06
N TYR A 133 22.77 11.18 20.49
CA TYR A 133 22.64 11.56 21.89
C TYR A 133 21.18 11.71 22.31
N LYS A 134 20.40 12.46 21.52
CA LYS A 134 18.96 12.63 21.79
C LYS A 134 18.24 11.27 21.83
N ILE A 135 18.61 10.39 20.90
CA ILE A 135 18.11 9.02 20.87
C ILE A 135 18.50 8.22 22.13
N SER A 136 19.75 8.34 22.56
CA SER A 136 20.20 7.67 23.79
C SER A 136 19.35 8.04 25.00
N LEU A 137 18.86 9.27 25.03
CA LEU A 137 18.01 9.73 26.12
C LEU A 137 16.56 9.24 26.05
N SER A 138 16.12 8.82 24.86
CA SER A 138 14.68 8.60 24.60
C SER A 138 14.03 7.50 25.44
N LYS A 139 14.69 6.34 25.56
CA LYS A 139 14.13 5.25 26.37
C LYS A 139 13.78 5.72 27.80
N ASP A 140 14.73 6.36 28.47
CA ASP A 140 14.52 6.90 29.83
C ASP A 140 13.47 8.00 29.89
N ASN A 141 13.44 8.88 28.87
CA ASN A 141 12.41 9.91 28.73
C ASN A 141 11.01 9.29 28.77
N ILE A 142 10.82 8.28 27.91
CA ILE A 142 9.52 7.62 27.76
C ILE A 142 9.14 6.84 29.03
N GLN A 143 10.09 6.09 29.58
CA GLN A 143 9.86 5.36 30.79
C GLN A 143 9.50 6.28 31.96
N SER A 144 10.22 7.40 32.10
CA SER A 144 9.91 8.40 33.13
C SER A 144 8.51 8.99 33.04
N SER A 145 8.07 9.25 31.80
CA SER A 145 6.69 9.67 31.52
C SER A 145 5.67 8.62 31.92
N ILE A 146 5.97 7.35 31.65
CA ILE A 146 5.08 6.24 31.97
C ILE A 146 5.07 5.99 33.48
N ASN A 147 6.22 6.14 34.12
CA ASN A 147 6.36 6.05 35.57
C ASN A 147 5.68 7.21 36.27
N GLY A 148 5.63 8.37 35.60
CA GLY A 148 4.94 9.55 36.12
C GLY A 148 5.86 10.55 36.79
N THR A 149 7.14 10.55 36.41
CA THR A 149 8.14 11.36 37.08
C THR A 149 8.52 12.62 36.29
N GLN A 150 8.10 12.65 35.02
CA GLN A 150 8.41 13.74 34.10
C GLN A 150 7.26 13.90 33.09
N PRO A 151 7.05 15.12 32.57
CA PRO A 151 6.04 15.25 31.50
C PRO A 151 6.58 14.66 30.19
N PHE A 152 5.68 14.39 29.24
CA PHE A 152 6.10 13.82 27.97
C PHE A 152 6.34 14.89 26.90
N ASP A 153 7.59 14.97 26.45
CA ASP A 153 7.97 15.86 25.36
C ASP A 153 7.84 15.11 24.02
N ASN A 154 6.97 15.59 23.14
CA ASN A 154 6.74 14.90 21.88
C ASN A 154 7.79 15.21 20.78
N SER A 155 9.05 15.14 21.18
CA SER A 155 10.16 15.31 20.25
C SER A 155 10.25 14.06 19.36
N ILE A 156 10.96 14.17 18.24
CA ILE A 156 11.12 13.06 17.31
C ILE A 156 11.66 11.79 17.96
N GLU A 157 12.73 11.93 18.73
CA GLU A 157 13.37 10.78 19.37
C GLU A 157 12.43 10.04 20.35
N ASN A 158 11.51 10.78 20.96
CA ASN A 158 10.55 10.21 21.92
C ASN A 158 9.37 9.54 21.25
N ILE A 159 8.69 10.27 20.38
CA ILE A 159 7.49 9.75 19.71
C ILE A 159 7.83 8.55 18.80
N TYR A 160 9.01 8.55 18.19
CA TYR A 160 9.46 7.38 17.42
C TYR A 160 10.32 6.39 18.22
N GLY A 161 10.29 6.49 19.55
CA GLY A 161 11.22 5.73 20.38
C GLY A 161 10.61 4.63 21.25
N PHE A 162 9.33 4.31 21.02
CA PHE A 162 8.60 3.36 21.88
C PHE A 162 8.94 1.89 21.63
N SER A 163 9.44 1.55 20.44
CA SER A 163 9.82 0.15 20.16
C SER A 163 10.98 -0.35 21.06
N GLN A 164 11.66 0.58 21.72
CA GLN A 164 12.65 0.25 22.75
C GLN A 164 11.99 -0.34 24.00
N LEU A 165 10.70 -0.08 24.19
CA LEU A 165 10.00 -0.46 25.41
C LEU A 165 8.94 -1.53 25.22
N TYR A 166 8.23 -1.47 24.08
CA TYR A 166 7.11 -2.34 23.80
C TYR A 166 7.14 -2.79 22.33
N PRO A 167 6.53 -3.96 22.03
CA PRO A 167 6.28 -4.28 20.62
C PRO A 167 5.47 -3.13 20.00
N THR A 168 6.07 -2.48 19.01
CA THR A 168 5.53 -1.25 18.41
C THR A 168 5.62 -1.29 16.90
N THR A 169 4.55 -0.89 16.24
CA THR A 169 4.59 -0.61 14.80
C THR A 169 4.28 0.88 14.55
N TYR A 170 5.09 1.51 13.70
CA TYR A 170 4.86 2.88 13.25
C TYR A 170 4.30 2.84 11.83
N HIS A 171 3.02 3.20 11.72
CA HIS A 171 2.39 3.30 10.43
C HIS A 171 2.67 4.70 9.89
N MET A 172 3.45 4.81 8.83
CA MET A 172 3.93 6.11 8.38
C MET A 172 3.37 6.57 7.05
N LEU A 173 3.05 7.85 6.97
CA LEU A 173 2.65 8.48 5.73
C LEU A 173 3.63 8.17 4.62
N ARG A 174 4.92 8.31 4.93
CA ARG A 174 5.95 8.06 3.95
C ARG A 174 7.11 7.35 4.65
N ALA A 175 7.00 6.03 4.75
CA ALA A 175 8.06 5.20 5.33
C ALA A 175 9.40 5.37 4.61
N ASP A 176 9.35 5.77 3.34
CA ASP A 176 10.55 5.98 2.51
C ASP A 176 11.30 7.30 2.80
N ILE A 177 10.85 8.02 3.82
CA ILE A 177 11.60 9.18 4.34
C ILE A 177 13.05 8.77 4.70
N PHE A 178 13.22 7.54 5.16
CA PHE A 178 14.54 7.02 5.54
C PHE A 178 15.40 6.60 4.34
N GLU A 179 14.85 6.77 3.14
CA GLU A 179 15.58 6.48 1.90
C GLU A 179 15.78 7.73 1.04
N THR A 180 15.61 8.91 1.65
CA THR A 180 15.85 10.18 0.95
C THR A 180 17.27 10.68 1.26
N ASN A 181 17.59 11.90 0.84
CA ASN A 181 18.90 12.51 1.15
C ASN A 181 19.02 12.98 2.60
N LEU A 182 17.94 12.92 3.36
CA LEU A 182 17.99 13.35 4.76
C LEU A 182 18.84 12.39 5.58
N PRO A 183 19.83 12.89 6.36
CA PRO A 183 20.63 12.03 7.25
C PRO A 183 19.82 11.58 8.46
N LEU A 184 19.18 10.42 8.34
CA LEU A 184 18.35 9.90 9.41
C LEU A 184 18.75 8.47 9.84
N THR A 185 19.97 8.08 9.51
CA THR A 185 20.51 6.76 9.83
C THR A 185 20.32 6.44 11.32
N SER A 186 20.63 7.41 12.18
CA SER A 186 20.51 7.24 13.63
C SER A 186 19.12 6.76 14.08
N LEU A 187 18.07 7.37 13.53
CA LEU A 187 16.68 7.01 13.86
C LEU A 187 16.24 5.73 13.17
N LYS A 188 16.67 5.56 11.92
CA LYS A 188 16.36 4.36 11.13
CA LYS A 188 16.37 4.36 11.14
C LYS A 188 16.77 3.10 11.90
N ARG A 189 17.96 3.12 12.50
CA ARG A 189 18.45 1.98 13.28
C ARG A 189 17.53 1.59 14.40
N VAL A 190 16.89 2.59 15.02
CA VAL A 190 15.93 2.33 16.10
C VAL A 190 14.68 1.60 15.58
N ILE A 191 14.14 2.06 14.46
CA ILE A 191 12.82 1.59 14.01
C ILE A 191 12.73 0.80 12.69
N SER A 192 13.86 0.40 12.10
CA SER A 192 13.83 -0.19 10.74
C SER A 192 12.93 -1.42 10.61
N ASN A 193 12.86 -2.23 11.67
CA ASN A 193 11.98 -3.40 11.67
C ASN A 193 10.56 -3.12 12.17
N ASN A 194 10.31 -1.87 12.55
CA ASN A 194 9.06 -1.47 13.19
C ASN A 194 8.18 -0.55 12.32
N ILE A 195 8.57 -0.35 11.06
CA ILE A 195 7.89 0.60 10.17
C ILE A 195 6.98 -0.11 9.17
N LYS A 196 5.77 0.40 9.02
CA LYS A 196 4.86 0.04 7.93
C LYS A 196 4.54 1.30 7.12
N GLN A 197 4.52 1.15 5.79
CA GLN A 197 4.01 2.18 4.89
C GLN A 197 2.49 2.17 4.95
N MET A 198 1.89 3.32 5.26
CA MET A 198 0.42 3.44 5.21
C MET A 198 -0.07 3.05 3.83
N LYS A 199 -1.07 2.15 3.80
CA LYS A 199 -1.68 1.71 2.54
C LYS A 199 -3.03 2.39 2.30
N TRP A 200 -3.37 2.56 1.03
CA TRP A 200 -4.58 3.29 0.64
C TRP A 200 -5.42 2.52 -0.40
N ASP A 201 -5.06 1.26 -0.63
CA ASP A 201 -5.70 0.45 -1.67
C ASP A 201 -6.55 -0.66 -1.07
N TYR A 202 -7.00 -0.46 0.16
CA TYR A 202 -7.86 -1.43 0.86
C TYR A 202 -9.14 -1.75 0.09
N PHE A 203 -9.72 -0.74 -0.56
CA PHE A 203 -10.99 -0.93 -1.26
C PHE A 203 -10.90 -1.92 -2.43
N THR A 204 -9.69 -2.17 -2.91
CA THR A 204 -9.44 -3.13 -3.99
C THR A 204 -9.81 -4.56 -3.54
N THR A 205 -9.65 -4.86 -2.25
CA THR A 205 -9.94 -6.20 -1.73
C THR A 205 -11.19 -6.29 -0.84
N PHE A 206 -11.73 -5.14 -0.45
CA PHE A 206 -12.93 -5.07 0.40
C PHE A 206 -14.16 -5.57 -0.34
N ASN A 207 -14.98 -6.37 0.35
CA ASN A 207 -16.32 -6.68 -0.13
C ASN A 207 -17.28 -5.53 0.17
N SER A 208 -18.50 -5.62 -0.35
CA SER A 208 -19.50 -4.55 -0.19
C SER A 208 -19.74 -4.15 1.26
N GLN A 209 -19.89 -5.15 2.14
CA GLN A 209 -20.18 -4.92 3.55
C GLN A 209 -19.07 -4.12 4.23
N GLN A 210 -17.82 -4.41 3.87
CA GLN A 210 -16.65 -3.69 4.36
C GLN A 210 -16.66 -2.25 3.88
N LYS A 211 -16.92 -2.08 2.59
CA LYS A 211 -17.01 -0.74 2.00
C LYS A 211 -18.08 0.09 2.68
N ASN A 212 -19.26 -0.52 2.86
CA ASN A 212 -20.39 0.11 3.55
C ASN A 212 -20.08 0.50 4.99
N LYS A 213 -19.38 -0.38 5.71
CA LYS A 213 -18.91 -0.07 7.05
C LYS A 213 -18.01 1.17 7.08
N PHE A 214 -17.17 1.32 6.06
CA PHE A 214 -16.33 2.51 5.96
C PHE A 214 -17.17 3.77 5.77
N TYR A 215 -18.17 3.70 4.90
CA TYR A 215 -19.10 4.82 4.70
C TYR A 215 -19.85 5.15 5.98
N ASN A 216 -20.28 4.12 6.70
CA ASN A 216 -21.01 4.32 7.96
C ASN A 216 -20.17 4.97 9.07
N PHE A 217 -18.94 4.48 9.24
CA PHE A 217 -17.97 5.08 10.18
C PHE A 217 -17.70 6.57 9.93
N THR A 218 -17.47 6.91 8.67
CA THR A 218 -17.02 8.25 8.28
C THR A 218 -18.16 9.21 7.98
N GLY A 219 -19.34 8.65 7.70
CA GLY A 219 -20.48 9.44 7.23
C GLY A 219 -20.26 9.95 5.81
N PHE A 220 -19.31 9.34 5.10
CA PHE A 220 -18.98 9.75 3.75
C PHE A 220 -19.22 8.65 2.73
N ASN A 221 -19.88 9.01 1.63
CA ASN A 221 -20.14 8.09 0.53
C ASN A 221 -19.71 8.82 -0.75
N PRO A 222 -18.80 8.21 -1.53
CA PRO A 222 -18.17 8.90 -2.67
C PRO A 222 -19.03 9.02 -3.92
N GLU A 223 -20.28 8.56 -3.87
CA GLU A 223 -21.13 8.50 -5.07
C GLU A 223 -21.33 9.88 -5.74
N LYS A 224 -21.69 10.90 -4.95
CA LYS A 224 -21.91 12.25 -5.49
C LYS A 224 -20.65 12.79 -6.20
N ILE A 225 -19.52 12.69 -5.52
CA ILE A 225 -18.26 13.19 -6.07
C ILE A 225 -17.83 12.43 -7.34
N LYS A 226 -18.01 11.10 -7.33
CA LYS A 226 -17.69 10.29 -8.50
C LYS A 226 -18.57 10.66 -9.70
N GLU A 227 -19.83 11.03 -9.44
CA GLU A 227 -20.72 11.52 -10.50
C GLU A 227 -20.25 12.88 -11.02
N GLN A 228 -19.82 13.75 -10.10
CA GLN A 228 -19.27 15.07 -10.45
C GLN A 228 -18.02 14.98 -11.34
N TYR A 229 -17.13 14.05 -11.01
CA TYR A 229 -15.95 13.77 -11.82
C TYR A 229 -16.30 13.44 -13.29
N LYS A 230 -17.35 12.64 -13.51
CA LYS A 230 -17.64 12.18 -14.86
C LYS A 230 -18.69 13.00 -15.62
N ALA A 231 -19.26 14.01 -14.96
CA ALA A 231 -20.31 14.84 -15.55
C ALA A 231 -19.87 15.52 -16.84
N SER A 232 -18.61 15.89 -16.91
CA SER A 232 -18.01 16.49 -18.10
C SER A 232 -16.78 15.66 -18.47
N PRO A 233 -16.43 15.59 -19.77
CA PRO A 233 -15.35 14.70 -20.16
C PRO A 233 -13.95 15.26 -19.90
N HIS A 234 -13.88 16.49 -19.39
CA HIS A 234 -12.59 17.13 -19.15
C HIS A 234 -11.93 16.55 -17.89
N GLU A 235 -10.60 16.61 -17.85
CA GLU A 235 -9.87 16.09 -16.68
C GLU A 235 -10.15 16.95 -15.44
N ASN A 236 -10.04 16.32 -14.28
CA ASN A 236 -10.50 16.89 -13.02
C ASN A 236 -9.34 17.42 -12.19
N PHE A 237 -9.47 18.65 -11.69
CA PHE A 237 -8.47 19.27 -10.82
C PHE A 237 -9.09 19.65 -9.48
N ILE A 238 -8.45 19.26 -8.39
CA ILE A 238 -8.86 19.73 -7.06
C ILE A 238 -7.85 20.72 -6.49
N PHE A 239 -8.34 21.92 -6.15
CA PHE A 239 -7.56 22.91 -5.43
C PHE A 239 -7.67 22.61 -3.95
N ILE A 240 -6.50 22.39 -3.30
CA ILE A 240 -6.43 22.12 -1.87
C ILE A 240 -6.34 23.44 -1.09
N GLY A 241 -7.44 23.81 -0.46
CA GLY A 241 -7.51 25.04 0.31
C GLY A 241 -6.85 24.95 1.68
N THR A 242 -6.58 26.12 2.26
CA THR A 242 -6.06 26.18 3.61
C THR A 242 -6.97 27.08 4.47
N ASN A 243 -6.55 27.41 5.69
CA ASN A 243 -7.30 28.35 6.52
C ASN A 243 -6.50 29.64 6.80
N SER A 244 -7.11 30.56 7.55
CA SER A 244 -6.51 31.89 7.76
C SER A 244 -5.17 31.89 8.51
N GLY A 245 -4.83 30.77 9.16
CA GLY A 245 -3.51 30.62 9.77
C GLY A 245 -2.37 30.56 8.76
N THR A 246 -2.70 30.27 7.50
CA THR A 246 -1.71 30.13 6.43
C THR A 246 -1.91 31.14 5.31
N ALA A 247 -3.17 31.38 4.93
CA ALA A 247 -3.47 32.28 3.80
C ALA A 247 -4.83 32.98 3.92
N THR A 248 -4.98 34.10 3.23
CA THR A 248 -6.26 34.78 3.19
C THR A 248 -7.06 34.20 2.03
N ALA A 249 -8.36 34.53 1.98
CA ALA A 249 -9.19 34.10 0.86
C ALA A 249 -8.72 34.78 -0.44
N GLU A 250 -8.47 36.08 -0.38
CA GLU A 250 -7.94 36.84 -1.52
C GLU A 250 -6.69 36.19 -2.13
N GLN A 251 -5.77 35.74 -1.28
CA GLN A 251 -4.50 35.17 -1.78
C GLN A 251 -4.75 33.87 -2.54
N GLN A 252 -5.67 33.04 -2.01
CA GLN A 252 -6.10 31.82 -2.70
C GLN A 252 -6.89 32.09 -4.01
N ILE A 253 -7.73 33.11 -3.99
CA ILE A 253 -8.44 33.57 -5.22
C ILE A 253 -7.42 34.00 -6.27
N ASP A 254 -6.41 34.77 -5.85
CA ASP A 254 -5.34 35.24 -6.74
C ASP A 254 -4.52 34.09 -7.34
N ILE A 255 -4.17 33.11 -6.51
CA ILE A 255 -3.49 31.88 -6.95
C ILE A 255 -4.30 31.18 -8.02
N LEU A 256 -5.60 31.06 -7.81
CA LEU A 256 -6.48 30.44 -8.79
C LEU A 256 -6.59 31.23 -10.11
N THR A 257 -6.53 32.56 -10.04
CA THR A 257 -6.56 33.31 -11.30
C THR A 257 -5.25 33.22 -12.06
N GLU A 258 -4.11 33.18 -11.35
CA GLU A 258 -2.82 32.93 -11.99
C GLU A 258 -2.76 31.52 -12.62
N ALA A 259 -3.23 30.52 -11.89
CA ALA A 259 -3.26 29.13 -12.37
C ALA A 259 -4.08 28.95 -13.65
N LYS A 260 -5.15 29.73 -13.77
CA LYS A 260 -6.02 29.63 -14.93
C LYS A 260 -5.41 30.23 -16.22
N LYS A 261 -4.34 30.99 -16.08
CA LYS A 261 -3.60 31.49 -17.25
C LYS A 261 -2.77 30.35 -17.84
N PRO A 262 -2.80 30.20 -19.19
CA PRO A 262 -2.05 29.16 -19.89
C PRO A 262 -0.57 29.48 -20.01
N ASP A 263 -0.18 30.72 -19.71
CA ASP A 263 1.18 31.21 -19.93
C ASP A 263 1.80 31.98 -18.75
N SER A 264 1.42 31.61 -17.54
CA SER A 264 1.99 32.23 -16.35
C SER A 264 3.47 31.89 -16.23
N PRO A 265 4.31 32.89 -15.90
CA PRO A 265 5.71 32.63 -15.56
C PRO A 265 5.88 32.04 -14.15
N ILE A 266 4.81 32.10 -13.36
CA ILE A 266 4.83 31.66 -11.96
C ILE A 266 4.23 30.28 -11.89
N ILE A 267 2.95 30.17 -12.21
CA ILE A 267 2.30 28.88 -12.28
C ILE A 267 2.41 28.35 -13.71
N THR A 268 3.53 27.68 -14.00
CA THR A 268 3.80 27.16 -15.36
C THR A 268 2.88 25.99 -15.74
N ASN A 269 2.47 25.20 -14.74
CA ASN A 269 1.49 24.12 -14.92
C ASN A 269 0.07 24.63 -14.80
N SER A 270 -0.51 25.01 -15.94
CA SER A 270 -1.82 25.64 -16.00
C SER A 270 -2.98 24.72 -15.66
N ILE A 271 -4.05 25.28 -15.11
CA ILE A 271 -5.31 24.56 -14.94
C ILE A 271 -6.37 24.93 -15.97
N GLN A 272 -5.98 25.72 -16.99
CA GLN A 272 -6.90 26.08 -18.07
C GLN A 272 -7.57 24.84 -18.66
N GLY A 273 -8.89 24.93 -18.85
CA GLY A 273 -9.64 23.86 -19.51
C GLY A 273 -9.93 22.62 -18.67
N LEU A 274 -9.52 22.62 -17.40
CA LEU A 274 -9.84 21.51 -16.50
C LEU A 274 -11.16 21.76 -15.77
N ASP A 275 -11.83 20.68 -15.34
CA ASP A 275 -12.97 20.82 -14.43
C ASP A 275 -12.41 21.09 -13.03
N LEU A 276 -12.74 22.25 -12.48
CA LEU A 276 -12.12 22.71 -11.23
C LEU A 276 -13.00 22.42 -10.03
N PHE A 277 -12.40 21.77 -9.03
CA PHE A 277 -13.05 21.42 -7.78
C PHE A 277 -12.32 22.16 -6.67
N PHE A 278 -13.08 22.62 -5.68
CA PHE A 278 -12.47 23.24 -4.51
C PHE A 278 -12.70 22.36 -3.28
N LYS A 279 -11.61 21.89 -2.69
CA LYS A 279 -11.70 21.20 -1.41
C LYS A 279 -11.17 22.11 -0.30
N GLY A 280 -12.09 22.71 0.44
CA GLY A 280 -11.72 23.60 1.53
C GLY A 280 -11.12 22.85 2.72
N HIS A 281 -10.30 23.56 3.49
CA HIS A 281 -9.78 23.04 4.74
C HIS A 281 -10.96 22.88 5.71
N PRO A 282 -11.03 21.76 6.48
CA PRO A 282 -12.08 21.48 7.46
C PRO A 282 -12.34 22.62 8.46
N SER A 283 -11.33 23.39 8.82
CA SER A 283 -11.55 24.50 9.75
C SER A 283 -11.69 25.91 9.10
N ALA A 284 -11.55 26.01 7.78
CA ALA A 284 -11.72 27.31 7.10
C ALA A 284 -13.20 27.75 7.03
N THR A 285 -13.41 29.06 7.17
CA THR A 285 -14.75 29.63 7.14
CA THR A 285 -14.74 29.65 7.15
C THR A 285 -14.89 30.68 6.02
N TYR A 286 -13.88 30.80 5.18
CA TYR A 286 -13.98 31.69 4.02
C TYR A 286 -14.14 30.97 2.67
N ASN A 287 -14.49 29.68 2.70
CA ASN A 287 -14.58 28.86 1.47
C ASN A 287 -15.57 29.34 0.40
N GLN A 288 -16.73 29.85 0.82
CA GLN A 288 -17.71 30.34 -0.15
C GLN A 288 -17.19 31.52 -0.98
N GLN A 289 -16.39 32.40 -0.38
CA GLN A 289 -15.76 33.54 -1.07
C GLN A 289 -14.88 33.09 -2.24
N ILE A 290 -14.03 32.08 -1.97
CA ILE A 290 -13.13 31.51 -2.97
C ILE A 290 -13.93 30.79 -4.08
N ILE A 291 -14.86 29.93 -3.66
CA ILE A 291 -15.67 29.11 -4.57
C ILE A 291 -16.49 29.95 -5.55
N ASP A 292 -17.00 31.08 -5.07
CA ASP A 292 -17.84 31.94 -5.88
C ASP A 292 -17.00 32.70 -6.89
N ALA A 293 -15.84 33.20 -6.44
CA ALA A 293 -14.96 34.01 -7.29
C ALA A 293 -14.46 33.22 -8.49
N HIS A 294 -14.50 31.88 -8.39
CA HIS A 294 -13.97 31.03 -9.45
C HIS A 294 -14.92 29.97 -10.07
N ASN A 295 -16.18 29.97 -9.65
CA ASN A 295 -17.16 29.00 -10.14
C ASN A 295 -16.65 27.55 -10.08
N MET A 296 -16.22 27.16 -8.89
CA MET A 296 -15.64 25.84 -8.69
C MET A 296 -16.67 24.90 -8.10
N ILE A 297 -16.56 23.63 -8.45
CA ILE A 297 -17.39 22.60 -7.83
C ILE A 297 -16.92 22.37 -6.39
N GLU A 298 -17.81 22.61 -5.43
CA GLU A 298 -17.49 22.43 -4.02
C GLU A 298 -17.49 20.97 -3.56
N ILE A 299 -16.39 20.58 -2.92
CA ILE A 299 -16.34 19.35 -2.15
C ILE A 299 -16.40 19.81 -0.70
N TYR A 300 -17.45 19.38 0.01
CA TYR A 300 -17.73 19.79 1.40
C TYR A 300 -16.45 19.79 2.23
N ASN A 301 -16.11 20.95 2.79
CA ASN A 301 -14.80 21.14 3.43
C ASN A 301 -14.53 20.20 4.62
N LYS A 302 -15.58 19.79 5.31
CA LYS A 302 -15.44 18.94 6.51
C LYS A 302 -15.04 17.50 6.18
N ILE A 303 -15.19 17.08 4.93
CA ILE A 303 -14.73 15.74 4.52
C ILE A 303 -13.20 15.73 4.55
N PRO A 304 -12.60 14.89 5.41
CA PRO A 304 -11.14 14.82 5.33
C PRO A 304 -10.70 14.22 4.00
N PHE A 305 -9.69 14.83 3.36
CA PHE A 305 -9.26 14.38 2.05
C PHE A 305 -8.89 12.89 2.00
N GLU A 306 -8.36 12.35 3.11
CA GLU A 306 -8.02 10.92 3.17
C GLU A 306 -9.22 9.98 2.96
N ALA A 307 -10.43 10.45 3.26
CA ALA A 307 -11.66 9.72 2.91
C ALA A 307 -11.84 9.60 1.39
N LEU A 308 -11.51 10.67 0.66
CA LEU A 308 -11.49 10.64 -0.80
C LEU A 308 -10.46 9.64 -1.31
N ILE A 309 -9.31 9.61 -0.68
CA ILE A 309 -8.25 8.70 -1.08
C ILE A 309 -8.70 7.24 -0.84
N MET A 310 -9.19 6.96 0.35
CA MET A 310 -9.51 5.58 0.74
C MET A 310 -10.63 5.00 -0.12
N THR A 311 -11.58 5.86 -0.51
CA THR A 311 -12.74 5.45 -1.32
C THR A 311 -12.47 5.47 -2.82
N ASP A 312 -11.20 5.72 -3.20
CA ASP A 312 -10.75 5.84 -4.59
C ASP A 312 -11.56 6.88 -5.38
N ALA A 313 -11.76 8.06 -4.78
CA ALA A 313 -12.45 9.14 -5.46
C ALA A 313 -11.47 10.28 -5.70
N LEU A 314 -10.46 10.00 -6.52
CA LEU A 314 -9.34 10.92 -6.73
C LEU A 314 -9.46 11.62 -8.08
N PRO A 315 -8.98 12.87 -8.17
CA PRO A 315 -9.03 13.62 -9.42
C PRO A 315 -7.81 13.28 -10.26
N ASP A 316 -7.70 13.92 -11.43
CA ASP A 316 -6.57 13.71 -12.29
C ASP A 316 -5.36 14.47 -11.80
N ALA A 317 -5.62 15.61 -11.16
CA ALA A 317 -4.56 16.51 -10.75
C ALA A 317 -4.97 17.31 -9.55
N VAL A 318 -3.96 17.86 -8.90
CA VAL A 318 -4.13 18.54 -7.64
C VAL A 318 -3.17 19.72 -7.62
N GLY A 319 -3.49 20.73 -6.81
CA GLY A 319 -2.60 21.86 -6.57
C GLY A 319 -3.19 22.69 -5.45
N GLY A 320 -2.39 23.56 -4.85
CA GLY A 320 -2.94 24.44 -3.83
C GLY A 320 -1.93 24.82 -2.79
N MET A 321 -2.35 24.74 -1.54
CA MET A 321 -1.62 25.31 -0.43
C MET A 321 -0.94 24.23 0.38
N GLY A 322 0.23 24.55 0.95
CA GLY A 322 0.97 23.60 1.79
C GLY A 322 0.03 22.98 2.81
N SER A 323 0.03 21.64 2.86
CA SER A 323 -0.96 20.86 3.62
C SER A 323 -0.52 19.41 3.85
N SER A 324 -0.93 18.83 4.98
CA SER A 324 -0.78 17.40 5.23
C SER A 324 -1.42 16.52 4.14
N VAL A 325 -2.44 17.04 3.47
CA VAL A 325 -3.14 16.32 2.38
C VAL A 325 -2.17 15.74 1.34
N PHE A 326 -1.19 16.54 0.92
CA PHE A 326 -0.24 16.11 -0.10
C PHE A 326 0.65 14.94 0.32
N PHE A 327 0.78 14.69 1.63
CA PHE A 327 1.58 13.57 2.16
C PHE A 327 0.92 12.20 1.98
N SER A 328 -0.41 12.17 1.97
CA SER A 328 -1.13 10.89 1.79
C SER A 328 -1.65 10.70 0.37
N LEU A 329 -1.54 11.74 -0.45
CA LEU A 329 -2.02 11.69 -1.82
C LEU A 329 -1.19 10.67 -2.61
N PRO A 330 -1.86 9.74 -3.32
CA PRO A 330 -1.12 8.81 -4.17
C PRO A 330 -0.32 9.55 -5.26
N ASN A 331 0.89 9.06 -5.56
CA ASN A 331 1.79 9.75 -6.49
C ASN A 331 1.40 9.66 -7.97
N THR A 332 0.33 8.91 -8.25
CA THR A 332 -0.28 8.83 -9.59
C THR A 332 -1.07 10.10 -9.92
N VAL A 333 -1.52 10.83 -8.90
CA VAL A 333 -2.17 12.12 -9.15
C VAL A 333 -1.13 13.23 -9.35
N GLU A 334 -1.23 13.93 -10.46
CA GLU A 334 -0.28 15.00 -10.79
C GLU A 334 -0.41 16.19 -9.83
N ASN A 335 0.71 16.62 -9.25
CA ASN A 335 0.75 17.84 -8.45
C ASN A 335 1.23 19.01 -9.31
N LYS A 336 0.34 19.96 -9.60
CA LYS A 336 0.69 21.05 -10.49
C LYS A 336 1.48 22.20 -9.84
N PHE A 337 1.22 22.46 -8.56
CA PHE A 337 1.87 23.55 -7.82
C PHE A 337 1.48 23.46 -6.34
N ILE A 338 2.38 23.89 -5.45
CA ILE A 338 2.02 24.13 -4.05
C ILE A 338 2.49 25.51 -3.60
N PHE A 339 1.59 26.28 -3.02
CA PHE A 339 1.94 27.57 -2.44
C PHE A 339 2.12 27.47 -0.95
N TYR A 340 3.16 28.13 -0.47
CA TYR A 340 3.50 28.13 0.94
C TYR A 340 3.55 29.57 1.46
N LYS A 341 3.09 29.75 2.70
CA LYS A 341 3.37 30.98 3.45
C LYS A 341 4.79 30.81 3.97
N SER A 342 5.71 31.57 3.39
CA SER A 342 7.15 31.46 3.72
C SER A 342 7.91 32.69 3.26
N ASP A 345 13.13 32.52 0.23
CA ASP A 345 13.90 31.74 1.22
C ASP A 345 13.27 30.39 1.54
N ILE A 346 13.16 29.56 0.51
CA ILE A 346 12.53 28.25 0.60
C ILE A 346 13.46 27.16 1.16
N GLU A 347 14.77 27.43 1.12
CA GLU A 347 15.79 26.46 1.55
C GLU A 347 15.78 26.20 3.06
N ASN A 348 15.32 27.19 3.82
CA ASN A 348 15.26 27.08 5.28
C ASN A 348 13.89 26.62 5.78
N ASN A 349 12.95 26.47 4.87
CA ASN A 349 11.61 26.02 5.21
C ASN A 349 11.55 24.49 5.22
N ALA A 350 11.40 23.93 6.42
CA ALA A 350 11.37 22.48 6.65
C ALA A 350 10.26 21.79 5.89
N LEU A 351 9.08 22.40 5.92
CA LEU A 351 7.93 21.82 5.24
C LEU A 351 8.18 21.74 3.75
N ILE A 352 8.70 22.82 3.16
CA ILE A 352 9.00 22.83 1.72
C ILE A 352 10.07 21.78 1.39
N GLN A 353 11.16 21.79 2.16
CA GLN A 353 12.26 20.88 1.88
C GLN A 353 11.92 19.39 2.03
N VAL A 354 11.15 19.03 3.06
CA VAL A 354 10.74 17.62 3.22
CA VAL A 354 10.78 17.63 3.22
C VAL A 354 9.84 17.18 2.08
N MET A 355 9.01 18.10 1.59
CA MET A 355 8.09 17.79 0.49
C MET A 355 8.85 17.63 -0.82
N ILE A 356 9.90 18.43 -1.02
CA ILE A 356 10.79 18.24 -2.18
C ILE A 356 11.52 16.89 -2.09
N GLU A 357 12.12 16.62 -0.94
CA GLU A 357 12.89 15.36 -0.74
C GLU A 357 12.07 14.10 -0.96
N LEU A 358 10.78 14.15 -0.60
CA LEU A 358 9.86 13.02 -0.78
C LEU A 358 9.23 12.96 -2.17
N ASN A 359 9.64 13.87 -3.04
CA ASN A 359 9.10 13.97 -4.40
C ASN A 359 7.58 14.15 -4.42
N ILE A 360 7.06 14.83 -3.40
CA ILE A 360 5.65 15.21 -3.34
C ILE A 360 5.40 16.33 -4.36
N VAL A 361 6.43 17.17 -4.54
CA VAL A 361 6.35 18.32 -5.42
C VAL A 361 7.72 18.55 -6.04
N ASN A 362 7.73 18.84 -7.34
CA ASN A 362 8.93 19.27 -8.06
CA ASN A 362 8.94 19.26 -8.03
C ASN A 362 9.39 20.60 -7.47
N ARG A 363 10.69 20.76 -7.28
CA ARG A 363 11.30 21.99 -6.81
C ARG A 363 10.87 23.22 -7.63
N ASN A 364 10.69 23.01 -8.94
CA ASN A 364 10.20 24.05 -9.83
C ASN A 364 8.72 24.43 -9.68
N ASP A 365 7.95 23.60 -8.99
CA ASP A 365 6.51 23.81 -8.79
C ASP A 365 6.18 24.35 -7.40
N VAL A 366 7.22 24.54 -6.58
CA VAL A 366 7.11 25.19 -5.28
C VAL A 366 7.04 26.72 -5.44
N LYS A 367 5.98 27.31 -4.90
CA LYS A 367 5.77 28.75 -5.02
C LYS A 367 5.47 29.37 -3.65
N LEU A 368 5.79 30.65 -3.49
CA LEU A 368 5.50 31.38 -2.26
CA LEU A 368 5.48 31.35 -2.27
C LEU A 368 4.34 32.34 -2.49
N ILE A 369 3.55 32.57 -1.46
CA ILE A 369 2.40 33.48 -1.56
C ILE A 369 2.84 34.90 -1.92
N SER A 370 4.06 35.26 -1.52
CA SER A 370 4.67 36.55 -1.87
C SER A 370 4.96 36.68 -3.37
N ASP A 371 4.93 35.57 -4.10
CA ASP A 371 5.13 35.56 -5.56
C ASP A 371 3.99 36.20 -6.35
N LEU A 372 2.84 36.41 -5.70
CA LEU A 372 1.82 37.32 -6.25
C LEU A 372 1.32 38.38 -5.25
N LYS B 1 9.96 8.37 -38.31
CA LYS B 1 9.04 7.73 -37.34
C LYS B 1 9.31 6.22 -37.32
N ASN B 2 10.42 5.86 -36.68
CA ASN B 2 10.88 4.47 -36.69
C ASN B 2 11.24 3.87 -35.33
N LYS B 3 11.20 4.69 -34.27
CA LYS B 3 11.63 4.28 -32.94
CA LYS B 3 11.64 4.24 -32.96
C LYS B 3 10.55 3.58 -32.13
N THR B 4 10.96 2.59 -31.32
CA THR B 4 10.07 1.92 -30.38
C THR B 4 10.50 2.25 -28.96
N ILE B 5 9.55 2.67 -28.14
CA ILE B 5 9.78 2.96 -26.72
C ILE B 5 9.11 1.89 -25.89
N GLU B 6 9.80 1.44 -24.83
CA GLU B 6 9.25 0.44 -23.92
C GLU B 6 8.98 1.13 -22.58
N VAL B 7 7.76 1.00 -22.10
CA VAL B 7 7.32 1.57 -20.83
C VAL B 7 7.09 0.43 -19.84
N TYR B 8 7.63 0.57 -18.63
CA TYR B 8 7.47 -0.45 -17.58
C TYR B 8 6.95 0.19 -16.33
N VAL B 9 5.77 -0.25 -15.88
CA VAL B 9 5.14 0.25 -14.67
C VAL B 9 4.61 -0.89 -13.80
N ASP B 10 4.72 -0.71 -12.48
CA ASP B 10 4.13 -1.65 -11.52
C ASP B 10 4.04 -1.01 -10.13
N ARG B 11 2.99 -1.39 -9.41
CA ARG B 11 2.79 -0.97 -8.03
C ARG B 11 3.29 -1.99 -7.03
N ALA B 12 3.23 -3.28 -7.40
CA ALA B 12 3.50 -4.36 -6.46
C ALA B 12 4.91 -4.90 -6.66
N THR B 13 5.09 -6.21 -6.59
CA THR B 13 6.42 -6.80 -6.84
C THR B 13 6.45 -7.84 -7.95
N LEU B 14 5.41 -8.66 -8.06
CA LEU B 14 5.43 -9.73 -9.06
C LEU B 14 5.63 -9.23 -10.50
N PRO B 15 4.78 -8.29 -10.99
CA PRO B 15 5.03 -7.80 -12.35
C PRO B 15 6.41 -7.21 -12.53
N THR B 16 6.94 -6.59 -11.48
CA THR B 16 8.26 -5.95 -11.54
C THR B 16 9.35 -6.99 -11.81
N ILE B 17 9.36 -8.07 -11.02
CA ILE B 17 10.32 -9.15 -11.13
C ILE B 17 10.25 -9.81 -12.51
N GLN B 18 9.05 -10.08 -12.99
CA GLN B 18 8.85 -10.61 -14.35
C GLN B 18 9.28 -9.59 -15.42
N GLN B 19 8.96 -8.31 -15.22
CA GLN B 19 9.41 -7.28 -16.18
C GLN B 19 10.95 -7.17 -16.23
N MET B 20 11.60 -7.12 -15.07
CA MET B 20 13.07 -7.09 -15.03
C MET B 20 13.63 -8.27 -15.81
N THR B 21 13.06 -9.44 -15.56
CA THR B 21 13.51 -10.69 -16.22
C THR B 21 13.33 -10.64 -17.74
N GLN B 22 12.21 -10.11 -18.22
CA GLN B 22 11.97 -9.97 -19.66
C GLN B 22 12.99 -9.00 -20.28
N ILE B 23 13.22 -7.87 -19.62
CA ILE B 23 14.25 -6.91 -20.05
C ILE B 23 15.62 -7.58 -20.23
N ILE B 24 16.03 -8.34 -19.21
CA ILE B 24 17.32 -9.05 -19.23
C ILE B 24 17.34 -10.16 -20.30
N ASN B 25 16.23 -10.87 -20.43
CA ASN B 25 16.10 -11.91 -21.45
C ASN B 25 16.21 -11.36 -22.88
N GLU B 26 15.51 -10.26 -23.14
CA GLU B 26 15.45 -9.71 -24.49
C GLU B 26 16.68 -8.89 -24.90
N ASN B 27 17.31 -8.24 -23.93
CA ASN B 27 18.44 -7.35 -24.21
C ASN B 27 18.20 -6.45 -25.43
N SER B 28 17.09 -5.74 -25.43
CA SER B 28 16.76 -4.87 -26.55
C SER B 28 17.49 -3.53 -26.43
N ASN B 29 17.65 -2.86 -27.57
CA ASN B 29 18.28 -1.54 -27.58
C ASN B 29 17.31 -0.38 -27.42
N ASN B 30 16.02 -0.69 -27.37
CA ASN B 30 15.00 0.34 -27.30
C ASN B 30 15.15 1.15 -26.04
N LYS B 31 14.82 2.44 -26.14
CA LYS B 31 14.72 3.29 -24.97
C LYS B 31 13.62 2.78 -24.04
N LYS B 32 13.91 2.77 -22.75
CA LYS B 32 12.98 2.27 -21.76
C LYS B 32 12.65 3.35 -20.72
N LEU B 33 11.37 3.47 -20.38
CA LEU B 33 10.91 4.41 -19.34
C LEU B 33 10.25 3.60 -18.24
N ILE B 34 10.80 3.68 -17.03
CA ILE B 34 10.47 2.74 -15.97
C ILE B 34 9.97 3.45 -14.72
N SER B 35 8.91 2.91 -14.11
CA SER B 35 8.40 3.41 -12.83
C SER B 35 7.84 2.24 -12.01
N TRP B 36 8.67 1.77 -11.08
CA TRP B 36 8.34 0.66 -10.21
C TRP B 36 8.26 1.16 -8.77
N SER B 37 7.07 1.11 -8.18
CA SER B 37 6.83 1.61 -6.82
C SER B 37 7.75 1.00 -5.77
N ARG B 38 7.95 -0.32 -5.86
CA ARG B 38 8.69 -1.06 -4.85
C ARG B 38 10.18 -1.26 -5.19
N TYR B 39 10.57 -0.85 -6.41
CA TYR B 39 11.95 -0.98 -6.86
C TYR B 39 12.50 0.30 -7.48
N PRO B 40 12.76 1.34 -6.64
CA PRO B 40 13.41 2.54 -7.16
C PRO B 40 14.83 2.24 -7.62
N ILE B 41 15.12 2.53 -8.88
CA ILE B 41 16.44 2.28 -9.44
C ILE B 41 17.20 3.59 -9.44
N ASN B 42 18.17 3.69 -8.54
CA ASN B 42 18.98 4.90 -8.39
C ASN B 42 20.34 4.67 -9.06
N ASP B 43 20.58 3.43 -9.50
CA ASP B 43 21.85 3.02 -10.09
C ASP B 43 21.97 3.41 -11.57
N GLU B 44 22.75 4.44 -11.83
CA GLU B 44 22.88 5.02 -13.18
C GLU B 44 23.58 4.10 -14.19
N THR B 45 24.51 3.27 -13.71
CA THR B 45 25.18 2.25 -14.55
C THR B 45 24.22 1.19 -15.04
N LEU B 46 23.41 0.68 -14.11
CA LEU B 46 22.40 -0.31 -14.43
C LEU B 46 21.44 0.23 -15.50
N LEU B 47 21.00 1.47 -15.30
CA LEU B 47 20.05 2.09 -16.22
C LEU B 47 20.63 2.27 -17.62
N GLU B 48 21.88 2.71 -17.71
CA GLU B 48 22.52 2.89 -19.03
C GLU B 48 22.74 1.55 -19.75
N SER B 49 22.96 0.49 -18.98
CA SER B 49 23.10 -0.86 -19.52
C SER B 49 21.81 -1.40 -20.17
N ILE B 50 20.67 -0.79 -19.85
CA ILE B 50 19.40 -1.16 -20.45
C ILE B 50 18.76 -0.02 -21.27
N ASN B 51 19.50 1.06 -21.45
CA ASN B 51 19.00 2.26 -22.16
C ASN B 51 17.69 2.76 -21.54
N GLY B 52 17.64 2.81 -20.21
CA GLY B 52 16.42 3.16 -19.49
C GLY B 52 16.54 4.41 -18.65
N SER B 53 15.40 5.03 -18.40
CA SER B 53 15.28 6.13 -17.46
C SER B 53 14.24 5.74 -16.41
N PHE B 54 14.53 6.04 -15.14
CA PHE B 54 13.60 5.75 -14.06
C PHE B 54 12.88 7.00 -13.58
N PHE B 55 11.60 6.85 -13.27
CA PHE B 55 10.73 7.95 -12.86
C PHE B 55 10.02 7.56 -11.58
N LYS B 56 10.00 8.47 -10.62
CA LYS B 56 9.50 8.18 -9.27
C LYS B 56 7.99 8.01 -9.24
N ASN B 57 7.31 8.60 -10.23
CA ASN B 57 5.87 8.42 -10.32
C ASN B 57 5.35 8.45 -11.76
N ARG B 58 4.12 7.98 -11.92
CA ARG B 58 3.47 7.92 -13.23
C ARG B 58 3.36 9.26 -13.98
N PRO B 59 2.87 10.35 -13.33
CA PRO B 59 2.86 11.67 -13.98
C PRO B 59 4.21 12.08 -14.59
N GLU B 60 5.31 11.86 -13.86
CA GLU B 60 6.66 12.19 -14.36
C GLU B 60 7.02 11.39 -15.62
N LEU B 61 6.73 10.08 -15.61
CA LEU B 61 7.05 9.21 -16.74
C LEU B 61 6.28 9.66 -17.98
N ILE B 62 5.01 9.96 -17.79
CA ILE B 62 4.11 10.38 -18.86
C ILE B 62 4.58 11.67 -19.54
N LYS B 63 5.04 12.62 -18.75
CA LYS B 63 5.51 13.88 -19.31
C LYS B 63 6.74 13.65 -20.20
N SER B 64 7.65 12.79 -19.76
CA SER B 64 8.83 12.46 -20.55
C SER B 64 8.46 11.68 -21.82
N LEU B 65 7.58 10.69 -21.69
CA LEU B 65 7.08 9.95 -22.85
C LEU B 65 6.45 10.88 -23.89
N ASP B 66 5.63 11.81 -23.42
CA ASP B 66 4.93 12.74 -24.30
C ASP B 66 5.89 13.57 -25.13
N SER B 67 6.95 14.05 -24.48
CA SER B 67 7.97 14.87 -25.14
C SER B 67 8.73 14.08 -26.19
N MET B 68 8.93 12.79 -25.94
CA MET B 68 9.54 11.89 -26.91
C MET B 68 8.65 11.72 -28.14
N ILE B 69 7.36 11.48 -27.92
CA ILE B 69 6.41 11.31 -29.02
C ILE B 69 6.24 12.60 -29.84
N LEU B 70 6.37 13.76 -29.19
CA LEU B 70 6.23 15.05 -29.89
C LEU B 70 7.38 15.36 -30.86
N THR B 71 8.44 14.53 -30.83
CA THR B 71 9.53 14.66 -31.80
C THR B 71 9.21 14.02 -33.16
N ASN B 72 8.04 13.37 -33.25
CA ASN B 72 7.64 12.64 -34.46
C ASN B 72 8.51 11.43 -34.82
N GLU B 73 9.37 11.00 -33.90
CA GLU B 73 10.28 9.88 -34.20
C GLU B 73 9.78 8.53 -33.66
N ILE B 74 8.66 8.54 -32.95
CA ILE B 74 8.22 7.31 -32.28
C ILE B 74 7.15 6.56 -33.09
N LYS B 75 7.53 5.38 -33.59
CA LYS B 75 6.61 4.55 -34.34
C LYS B 75 5.69 3.78 -33.40
N LYS B 76 6.25 3.27 -32.30
CA LYS B 76 5.53 2.36 -31.42
C LYS B 76 5.87 2.57 -29.95
N VAL B 77 4.89 2.33 -29.09
CA VAL B 77 5.11 2.24 -27.66
C VAL B 77 4.58 0.90 -27.16
N ILE B 78 5.44 0.14 -26.49
CA ILE B 78 5.01 -1.08 -25.80
C ILE B 78 4.87 -0.75 -24.32
N ILE B 79 3.69 -0.99 -23.77
CA ILE B 79 3.45 -0.71 -22.37
C ILE B 79 3.36 -2.01 -21.58
N ASN B 80 4.20 -2.11 -20.55
CA ASN B 80 4.26 -3.25 -19.69
C ASN B 80 3.75 -2.87 -18.30
N GLY B 81 2.69 -3.55 -17.85
CA GLY B 81 2.02 -3.15 -16.63
C GLY B 81 1.51 -4.28 -15.74
N ASN B 82 0.72 -3.88 -14.75
CA ASN B 82 0.15 -4.75 -13.74
C ASN B 82 -1.34 -4.92 -14.09
N THR B 83 -1.79 -6.15 -14.29
CA THR B 83 -3.16 -6.45 -14.70
C THR B 83 -4.21 -5.84 -13.73
N LEU B 84 -4.06 -6.10 -12.43
CA LEU B 84 -4.96 -5.53 -11.42
C LEU B 84 -5.03 -4.00 -11.54
N TRP B 85 -3.88 -3.40 -11.83
CA TRP B 85 -3.72 -1.96 -11.90
C TRP B 85 -3.65 -1.45 -13.33
N ALA B 86 -4.50 -2.02 -14.19
CA ALA B 86 -4.55 -1.63 -15.61
C ALA B 86 -4.85 -0.12 -15.77
N VAL B 87 -5.47 0.49 -14.75
CA VAL B 87 -5.72 1.94 -14.75
C VAL B 87 -4.47 2.76 -15.07
N ASP B 88 -3.31 2.29 -14.58
CA ASP B 88 -2.06 2.97 -14.85
C ASP B 88 -1.73 2.93 -16.35
N VAL B 89 -2.00 1.80 -17.01
CA VAL B 89 -1.76 1.69 -18.44
CA VAL B 89 -1.79 1.65 -18.44
C VAL B 89 -2.82 2.47 -19.21
N VAL B 90 -4.06 2.47 -18.71
CA VAL B 90 -5.13 3.31 -19.31
C VAL B 90 -4.69 4.78 -19.39
N ASN B 91 -4.11 5.29 -18.33
CA ASN B 91 -3.68 6.68 -18.27
C ASN B 91 -2.50 6.98 -19.17
N ILE B 92 -1.67 5.97 -19.42
CA ILE B 92 -0.55 6.08 -20.35
C ILE B 92 -1.08 6.10 -21.80
N ILE B 93 -1.94 5.14 -22.13
CA ILE B 93 -2.61 5.12 -23.43
C ILE B 93 -3.33 6.45 -23.73
N LYS B 94 -4.05 6.95 -22.73
CA LYS B 94 -4.79 8.21 -22.86
C LYS B 94 -3.87 9.36 -23.26
N SER B 95 -2.73 9.50 -22.58
CA SER B 95 -1.80 10.61 -22.83
C SER B 95 -1.10 10.49 -24.18
N ILE B 96 -0.82 9.27 -24.62
CA ILE B 96 -0.25 9.01 -25.94
C ILE B 96 -1.22 9.38 -27.07
N GLU B 97 -2.43 8.85 -27.00
CA GLU B 97 -3.42 9.04 -28.05
C GLU B 97 -3.91 10.47 -28.18
N ALA B 98 -3.88 11.20 -27.06
CA ALA B 98 -4.23 12.60 -27.01
C ALA B 98 -3.27 13.48 -27.81
N LEU B 99 -2.09 12.97 -28.12
CA LEU B 99 -1.08 13.73 -28.85
C LEU B 99 -1.32 13.74 -30.37
N GLY B 100 -2.16 12.83 -30.85
CA GLY B 100 -2.49 12.71 -32.28
C GLY B 100 -1.34 12.40 -33.24
N LYS B 101 -0.35 11.66 -32.78
CA LYS B 101 0.83 11.38 -33.61
C LYS B 101 0.80 9.99 -34.25
N LYS B 102 -0.38 9.35 -34.24
CA LYS B 102 -0.56 8.03 -34.85
C LYS B 102 0.44 6.98 -34.32
N THR B 103 0.58 6.94 -33.01
CA THR B 103 1.50 6.02 -32.37
C THR B 103 0.90 4.63 -32.28
N GLU B 104 1.66 3.62 -32.68
CA GLU B 104 1.26 2.22 -32.44
C GLU B 104 1.41 1.91 -30.96
N ILE B 105 0.43 1.20 -30.41
CA ILE B 105 0.47 0.78 -29.02
C ILE B 105 0.27 -0.74 -28.93
N GLU B 106 1.17 -1.38 -28.19
CA GLU B 106 1.03 -2.80 -27.85
C GLU B 106 1.23 -2.97 -26.34
N LEU B 107 0.57 -3.96 -25.78
CA LEU B 107 0.44 -4.07 -24.32
C LEU B 107 0.83 -5.43 -23.77
N ASN B 108 1.52 -5.43 -22.63
CA ASN B 108 1.81 -6.64 -21.87
C ASN B 108 1.34 -6.43 -20.44
N PHE B 109 0.42 -7.28 -20.00
CA PHE B 109 -0.06 -7.23 -18.63
C PHE B 109 0.44 -8.44 -17.87
N TYR B 110 0.92 -8.20 -16.64
CA TYR B 110 1.41 -9.24 -15.75
C TYR B 110 0.53 -9.24 -14.53
N ASP B 111 0.05 -10.42 -14.11
CA ASP B 111 -0.81 -10.53 -12.91
C ASP B 111 -0.10 -9.94 -11.67
N ASP B 112 -0.91 -9.37 -10.78
CA ASP B 112 -0.46 -8.80 -9.48
C ASP B 112 -0.14 -9.91 -8.48
N GLY B 113 -1.01 -10.91 -8.41
CA GLY B 113 -0.91 -11.95 -7.39
C GLY B 113 -2.25 -12.65 -7.27
N SER B 114 -2.62 -13.00 -6.04
CA SER B 114 -3.85 -13.75 -5.78
C SER B 114 -5.14 -13.00 -6.16
N ALA B 115 -5.09 -11.67 -6.14
CA ALA B 115 -6.27 -10.81 -6.43
C ALA B 115 -6.98 -11.15 -7.75
N GLU B 116 -6.22 -11.33 -8.83
CA GLU B 116 -6.80 -11.67 -10.12
C GLU B 116 -7.52 -13.01 -10.03
N TYR B 117 -6.95 -13.95 -9.26
CA TYR B 117 -7.50 -15.31 -9.14
C TYR B 117 -8.75 -15.38 -8.27
N VAL B 118 -8.78 -14.59 -7.21
CA VAL B 118 -10.01 -14.40 -6.42
C VAL B 118 -11.11 -13.78 -7.28
N ARG B 119 -10.75 -12.75 -8.04
CA ARG B 119 -11.68 -12.10 -8.95
CA ARG B 119 -11.67 -12.09 -8.97
C ARG B 119 -12.15 -13.03 -10.07
N LEU B 120 -11.23 -13.81 -10.64
CA LEU B 120 -11.57 -14.80 -11.67
C LEU B 120 -12.53 -15.86 -11.13
N TYR B 121 -12.27 -16.35 -9.91
CA TYR B 121 -13.19 -17.31 -9.28
C TYR B 121 -14.60 -16.74 -9.09
N ASP B 122 -14.69 -15.52 -8.56
CA ASP B 122 -15.98 -14.87 -8.39
C ASP B 122 -16.71 -14.69 -9.72
N PHE B 123 -15.96 -14.32 -10.76
CA PHE B 123 -16.52 -14.16 -12.09
C PHE B 123 -17.07 -15.49 -12.59
N SER B 124 -16.31 -16.58 -12.36
CA SER B 124 -16.72 -17.93 -12.81
C SER B 124 -18.04 -18.36 -12.19
N ARG B 125 -18.36 -17.77 -11.03
CA ARG B 125 -19.60 -18.05 -10.28
C ARG B 125 -20.84 -17.41 -10.90
N LEU B 126 -20.63 -16.39 -11.74
CA LEU B 126 -21.73 -15.72 -12.44
C LEU B 126 -22.38 -16.64 -13.48
N PRO B 127 -23.73 -16.61 -13.58
CA PRO B 127 -24.35 -17.38 -14.66
C PRO B 127 -23.70 -16.99 -15.98
N GLU B 128 -23.56 -17.96 -16.89
CA GLU B 128 -22.88 -17.74 -18.16
C GLU B 128 -23.42 -16.53 -18.93
N SER B 129 -24.73 -16.35 -18.94
CA SER B 129 -25.36 -15.23 -19.65
C SER B 129 -24.92 -13.87 -19.10
N GLU B 130 -24.66 -13.80 -17.80
CA GLU B 130 -24.17 -12.57 -17.18
C GLU B 130 -22.68 -12.34 -17.45
N GLN B 131 -21.90 -13.42 -17.49
CA GLN B 131 -20.50 -13.35 -17.91
C GLN B 131 -20.41 -12.76 -19.31
N GLU B 132 -21.22 -13.30 -20.22
CA GLU B 132 -21.26 -12.82 -21.61
C GLU B 132 -21.69 -11.35 -21.67
N TYR B 133 -22.67 -10.98 -20.84
CA TYR B 133 -23.13 -9.59 -20.80
C TYR B 133 -22.04 -8.65 -20.33
N LYS B 134 -21.36 -9.00 -19.25
CA LYS B 134 -20.29 -8.19 -18.69
C LYS B 134 -19.15 -8.00 -19.70
N ILE B 135 -18.80 -9.09 -20.39
CA ILE B 135 -17.83 -9.07 -21.48
C ILE B 135 -18.27 -8.19 -22.67
N SER B 136 -19.55 -8.24 -23.03
CA SER B 136 -20.07 -7.40 -24.12
C SER B 136 -19.88 -5.90 -23.85
N LEU B 137 -19.83 -5.52 -22.58
CA LEU B 137 -19.69 -4.12 -22.20
C LEU B 137 -18.24 -3.66 -22.16
N SER B 138 -17.33 -4.62 -22.08
CA SER B 138 -15.93 -4.34 -21.70
C SER B 138 -15.14 -3.49 -22.71
N LYS B 139 -15.28 -3.77 -24.00
CA LYS B 139 -14.61 -2.94 -25.02
C LYS B 139 -14.99 -1.46 -24.82
N ASP B 140 -16.29 -1.21 -24.65
CA ASP B 140 -16.77 0.15 -24.42
C ASP B 140 -16.38 0.77 -23.08
N ASN B 141 -16.37 -0.03 -22.02
CA ASN B 141 -15.84 0.41 -20.72
C ASN B 141 -14.41 0.88 -20.85
N ILE B 142 -13.56 0.05 -21.47
CA ILE B 142 -12.14 0.35 -21.65
C ILE B 142 -11.99 1.59 -22.52
N GLN B 143 -12.66 1.61 -23.68
CA GLN B 143 -12.58 2.74 -24.60
C GLN B 143 -12.99 4.07 -23.95
N SER B 144 -14.01 4.04 -23.10
CA SER B 144 -14.51 5.23 -22.41
C SER B 144 -13.51 5.81 -21.41
N SER B 145 -12.85 4.95 -20.66
CA SER B 145 -11.82 5.37 -19.71
C SER B 145 -10.63 6.01 -20.42
N ILE B 146 -10.28 5.43 -21.56
CA ILE B 146 -9.19 5.94 -22.39
C ILE B 146 -9.58 7.31 -22.98
N ASN B 147 -10.85 7.43 -23.37
CA ASN B 147 -11.42 8.70 -23.86
C ASN B 147 -11.64 9.72 -22.74
N GLY B 148 -11.90 9.23 -21.53
CA GLY B 148 -12.04 10.08 -20.35
C GLY B 148 -13.47 10.32 -19.91
N THR B 149 -14.40 9.51 -20.43
CA THR B 149 -15.83 9.69 -20.22
C THR B 149 -16.32 9.01 -18.94
N GLN B 150 -15.53 8.05 -18.46
CA GLN B 150 -15.89 7.23 -17.31
C GLN B 150 -14.62 6.83 -16.54
N PRO B 151 -14.72 6.61 -15.22
CA PRO B 151 -13.58 6.06 -14.50
C PRO B 151 -13.37 4.58 -14.83
N PHE B 152 -12.16 4.08 -14.64
CA PHE B 152 -11.84 2.69 -14.95
C PHE B 152 -12.14 1.79 -13.76
N ASP B 153 -13.07 0.86 -13.94
CA ASP B 153 -13.32 -0.13 -12.91
C ASP B 153 -12.48 -1.35 -13.24
N ASN B 154 -11.66 -1.79 -12.29
CA ASN B 154 -10.78 -2.93 -12.57
C ASN B 154 -11.46 -4.30 -12.37
N SER B 155 -12.63 -4.48 -12.98
CA SER B 155 -13.34 -5.75 -12.95
C SER B 155 -12.63 -6.74 -13.90
N ILE B 156 -12.91 -8.03 -13.74
CA ILE B 156 -12.29 -9.08 -14.57
C ILE B 156 -12.41 -8.82 -16.08
N GLU B 157 -13.63 -8.51 -16.52
CA GLU B 157 -13.89 -8.34 -17.94
C GLU B 157 -13.16 -7.12 -18.51
N ASN B 158 -12.92 -6.12 -17.67
CA ASN B 158 -12.17 -4.92 -18.10
C ASN B 158 -10.66 -5.13 -18.15
N ILE B 159 -10.09 -5.62 -17.05
CA ILE B 159 -8.63 -5.77 -16.95
C ILE B 159 -8.09 -6.80 -17.95
N TYR B 160 -8.91 -7.81 -18.24
CA TYR B 160 -8.57 -8.84 -19.23
C TYR B 160 -9.18 -8.60 -20.60
N GLY B 161 -9.64 -7.37 -20.85
CA GLY B 161 -10.35 -7.09 -22.08
C GLY B 161 -9.67 -6.20 -23.11
N PHE B 162 -8.39 -5.90 -22.91
CA PHE B 162 -7.66 -4.95 -23.75
C PHE B 162 -7.31 -5.45 -25.15
N SER B 163 -7.30 -6.77 -25.37
CA SER B 163 -6.94 -7.33 -26.68
C SER B 163 -8.03 -7.04 -27.73
N GLN B 164 -9.18 -6.58 -27.26
CA GLN B 164 -10.25 -6.14 -28.13
C GLN B 164 -9.91 -4.79 -28.76
N LEU B 165 -8.91 -4.11 -28.19
CA LEU B 165 -8.55 -2.74 -28.60
C LEU B 165 -7.12 -2.60 -29.11
N TYR B 166 -6.18 -3.32 -28.49
CA TYR B 166 -4.76 -3.24 -28.85
C TYR B 166 -4.15 -4.64 -28.91
N PRO B 167 -3.05 -4.81 -29.68
CA PRO B 167 -2.26 -6.04 -29.53
C PRO B 167 -1.80 -6.15 -28.08
N THR B 168 -2.18 -7.25 -27.42
CA THR B 168 -2.06 -7.39 -25.97
C THR B 168 -1.67 -8.83 -25.64
N THR B 169 -0.71 -8.99 -24.74
CA THR B 169 -0.54 -10.30 -24.10
C THR B 169 -0.70 -10.23 -22.59
N TYR B 170 -1.40 -11.23 -22.05
CA TYR B 170 -1.58 -11.40 -20.62
C TYR B 170 -0.61 -12.47 -20.12
N HIS B 171 0.36 -12.04 -19.33
CA HIS B 171 1.30 -12.96 -18.72
C HIS B 171 0.67 -13.37 -17.40
N MET B 172 0.23 -14.62 -17.33
CA MET B 172 -0.54 -15.09 -16.19
C MET B 172 0.25 -16.01 -15.26
N LEU B 173 0.01 -15.82 -13.98
CA LEU B 173 0.60 -16.61 -12.93
C LEU B 173 0.20 -18.06 -13.14
N ARG B 174 -1.08 -18.27 -13.48
CA ARG B 174 -1.62 -19.59 -13.77
C ARG B 174 -2.57 -19.54 -14.99
N ALA B 175 -1.98 -19.60 -16.19
CA ALA B 175 -2.73 -19.64 -17.46
C ALA B 175 -3.70 -20.81 -17.55
N ASP B 176 -3.35 -21.91 -16.87
CA ASP B 176 -4.17 -23.13 -16.84
C ASP B 176 -5.44 -23.00 -16.00
N ILE B 177 -5.68 -21.82 -15.43
CA ILE B 177 -6.96 -21.51 -14.78
C ILE B 177 -8.14 -21.83 -15.72
N PHE B 178 -7.93 -21.60 -17.01
CA PHE B 178 -8.96 -21.86 -18.03
C PHE B 178 -9.09 -23.34 -18.39
N GLU B 179 -8.30 -24.19 -17.74
CA GLU B 179 -8.32 -25.64 -17.95
CA GLU B 179 -8.39 -25.63 -17.96
C GLU B 179 -8.84 -26.36 -16.71
N THR B 180 -9.22 -25.59 -15.69
CA THR B 180 -9.81 -26.14 -14.46
C THR B 180 -11.30 -26.36 -14.68
N ASN B 181 -12.04 -26.70 -13.62
CA ASN B 181 -13.49 -26.90 -13.72
C ASN B 181 -14.31 -25.61 -13.52
N LEU B 182 -13.62 -24.48 -13.37
CA LEU B 182 -14.35 -23.20 -13.26
C LEU B 182 -14.93 -22.85 -14.64
N PRO B 183 -16.24 -22.49 -14.70
CA PRO B 183 -16.82 -22.10 -15.99
C PRO B 183 -16.34 -20.71 -16.45
N LEU B 184 -15.34 -20.69 -17.32
CA LEU B 184 -14.72 -19.44 -17.78
C LEU B 184 -14.58 -19.40 -19.30
N THR B 185 -15.34 -20.24 -20.01
CA THR B 185 -15.24 -20.31 -21.46
C THR B 185 -15.50 -18.95 -22.11
N SER B 186 -16.42 -18.18 -21.51
CA SER B 186 -16.75 -16.82 -21.97
C SER B 186 -15.52 -15.92 -22.04
N LEU B 187 -14.75 -15.87 -20.96
CA LEU B 187 -13.52 -15.08 -20.94
C LEU B 187 -12.41 -15.73 -21.78
N LYS B 188 -12.30 -17.06 -21.76
CA LYS B 188 -11.32 -17.78 -22.57
CA LYS B 188 -11.31 -17.76 -22.57
C LYS B 188 -11.42 -17.39 -24.05
N ARG B 189 -12.65 -17.25 -24.55
CA ARG B 189 -12.84 -16.87 -25.96
C ARG B 189 -12.26 -15.49 -26.27
N VAL B 190 -12.30 -14.59 -25.30
CA VAL B 190 -11.72 -13.26 -25.50
C VAL B 190 -10.19 -13.30 -25.62
N ILE B 191 -9.54 -14.04 -24.73
CA ILE B 191 -8.09 -13.98 -24.62
C ILE B 191 -7.34 -15.25 -25.01
N SER B 192 -8.05 -16.19 -25.64
CA SER B 192 -7.48 -17.49 -26.00
C SER B 192 -6.10 -17.41 -26.67
N ASN B 193 -5.97 -16.49 -27.62
CA ASN B 193 -4.71 -16.34 -28.36
C ASN B 193 -3.72 -15.35 -27.73
N ASN B 194 -4.10 -14.79 -26.59
CA ASN B 194 -3.35 -13.68 -25.97
C ASN B 194 -2.68 -14.03 -24.63
N ILE B 195 -2.81 -15.29 -24.21
CA ILE B 195 -2.33 -15.73 -22.91
C ILE B 195 -0.93 -16.32 -22.97
N LYS B 196 -0.07 -15.92 -22.03
CA LYS B 196 1.22 -16.57 -21.79
C LYS B 196 1.28 -17.03 -20.34
N GLN B 197 1.77 -18.23 -20.13
CA GLN B 197 2.08 -18.72 -18.79
C GLN B 197 3.39 -18.09 -18.34
N MET B 198 3.36 -17.37 -17.20
CA MET B 198 4.59 -16.86 -16.59
C MET B 198 5.60 -17.98 -16.41
N LYS B 199 6.85 -17.70 -16.78
CA LYS B 199 7.93 -18.68 -16.73
C LYS B 199 8.92 -18.33 -15.62
N TRP B 200 9.49 -19.35 -15.00
CA TRP B 200 10.38 -19.15 -13.86
C TRP B 200 11.73 -19.81 -14.05
N ASP B 201 12.01 -20.23 -15.28
CA ASP B 201 13.21 -21.02 -15.58
C ASP B 201 14.23 -20.27 -16.41
N TYR B 202 14.13 -18.94 -16.47
CA TYR B 202 15.08 -18.14 -17.28
C TYR B 202 16.53 -18.37 -16.89
N PHE B 203 16.79 -18.64 -15.61
CA PHE B 203 18.14 -18.87 -15.13
C PHE B 203 18.84 -20.11 -15.72
N THR B 204 18.08 -21.06 -16.24
CA THR B 204 18.70 -22.20 -16.91
C THR B 204 19.40 -21.76 -18.18
N THR B 205 18.88 -20.70 -18.80
CA THR B 205 19.35 -20.26 -20.10
C THR B 205 20.20 -18.97 -20.06
N PHE B 206 20.07 -18.20 -18.97
CA PHE B 206 20.85 -16.97 -18.78
C PHE B 206 22.35 -17.22 -18.68
N ASN B 207 23.13 -16.31 -19.26
CA ASN B 207 24.57 -16.33 -19.04
C ASN B 207 24.90 -15.58 -17.75
N SER B 208 26.18 -15.52 -17.39
CA SER B 208 26.63 -14.90 -16.15
C SER B 208 26.28 -13.42 -16.01
N GLN B 209 26.50 -12.63 -17.06
CA GLN B 209 26.16 -11.21 -17.06
C GLN B 209 24.65 -10.97 -16.87
N GLN B 210 23.82 -11.86 -17.42
CA GLN B 210 22.37 -11.75 -17.27
C GLN B 210 21.90 -12.05 -15.85
N LYS B 211 22.45 -13.11 -15.26
CA LYS B 211 22.19 -13.47 -13.87
C LYS B 211 22.60 -12.35 -12.91
N ASN B 212 23.77 -11.75 -13.15
CA ASN B 212 24.26 -10.62 -12.33
C ASN B 212 23.41 -9.38 -12.45
N LYS B 213 22.86 -9.17 -13.64
CA LYS B 213 21.93 -8.09 -13.88
C LYS B 213 20.67 -8.27 -13.02
N PHE B 214 20.17 -9.50 -12.94
CA PHE B 214 19.02 -9.82 -12.09
C PHE B 214 19.32 -9.50 -10.63
N TYR B 215 20.47 -9.95 -10.13
CA TYR B 215 20.88 -9.66 -8.75
C TYR B 215 20.96 -8.17 -8.48
N ASN B 216 21.45 -7.42 -9.48
CA ASN B 216 21.62 -5.98 -9.39
C ASN B 216 20.30 -5.20 -9.39
N PHE B 217 19.40 -5.59 -10.28
CA PHE B 217 18.03 -5.04 -10.34
C PHE B 217 17.25 -5.26 -9.02
N THR B 218 17.32 -6.48 -8.51
CA THR B 218 16.49 -6.88 -7.35
C THR B 218 17.14 -6.60 -6.00
N GLY B 219 18.47 -6.39 -6.02
CA GLY B 219 19.25 -6.26 -4.79
C GLY B 219 19.29 -7.58 -4.03
N PHE B 220 19.01 -8.68 -4.72
CA PHE B 220 19.02 -9.98 -4.10
C PHE B 220 20.03 -10.91 -4.75
N ASN B 221 20.86 -11.55 -3.93
CA ASN B 221 21.80 -12.56 -4.38
C ASN B 221 21.51 -13.83 -3.56
N PRO B 222 21.26 -14.97 -4.23
CA PRO B 222 20.90 -16.23 -3.54
C PRO B 222 22.02 -16.98 -2.81
N GLU B 223 23.25 -16.44 -2.82
CA GLU B 223 24.41 -17.16 -2.28
C GLU B 223 24.19 -17.58 -0.82
N LYS B 224 23.75 -16.63 0.00
CA LYS B 224 23.56 -16.85 1.43
C LYS B 224 22.50 -17.92 1.74
N ILE B 225 21.33 -17.79 1.14
CA ILE B 225 20.26 -18.79 1.33
C ILE B 225 20.64 -20.19 0.81
N LYS B 226 21.39 -20.26 -0.30
CA LYS B 226 21.81 -21.56 -0.83
C LYS B 226 22.81 -22.21 0.12
N GLU B 227 23.69 -21.39 0.70
CA GLU B 227 24.59 -21.89 1.76
C GLU B 227 23.81 -22.40 2.97
N GLN B 228 22.77 -21.65 3.38
CA GLN B 228 21.96 -22.07 4.52
C GLN B 228 21.22 -23.39 4.27
N TYR B 229 20.74 -23.57 3.04
CA TYR B 229 20.04 -24.80 2.66
C TYR B 229 20.89 -26.04 2.84
N LYS B 230 22.19 -25.92 2.62
CA LYS B 230 23.04 -27.10 2.65
C LYS B 230 23.89 -27.21 3.92
N ALA B 231 23.74 -26.28 4.86
CA ALA B 231 24.52 -26.31 6.11
C ALA B 231 24.34 -27.63 6.85
N SER B 232 23.12 -28.13 6.85
CA SER B 232 22.75 -29.39 7.47
C SER B 232 22.14 -30.31 6.42
N PRO B 233 22.25 -31.64 6.61
CA PRO B 233 21.73 -32.55 5.60
C PRO B 233 20.19 -32.77 5.62
N HIS B 234 19.48 -32.18 6.58
CA HIS B 234 18.03 -32.38 6.65
C HIS B 234 17.31 -31.58 5.56
N GLU B 235 16.16 -32.07 5.13
CA GLU B 235 15.37 -31.38 4.12
C GLU B 235 14.82 -30.04 4.64
N ASN B 236 14.63 -29.10 3.72
CA ASN B 236 14.35 -27.72 4.06
C ASN B 236 12.89 -27.36 3.91
N PHE B 237 12.34 -26.74 4.94
CA PHE B 237 10.96 -26.29 4.98
C PHE B 237 10.94 -24.77 5.17
N ILE B 238 10.17 -24.06 4.33
CA ILE B 238 9.93 -22.63 4.53
C ILE B 238 8.48 -22.39 4.98
N PHE B 239 8.34 -21.73 6.12
CA PHE B 239 7.04 -21.22 6.58
C PHE B 239 6.80 -19.85 5.95
N ILE B 240 5.67 -19.76 5.25
CA ILE B 240 5.30 -18.55 4.56
C ILE B 240 4.48 -17.71 5.52
N GLY B 241 5.06 -16.64 6.04
CA GLY B 241 4.39 -15.82 7.04
C GLY B 241 3.41 -14.84 6.40
N THR B 242 2.53 -14.28 7.22
CA THR B 242 1.61 -13.25 6.77
C THR B 242 1.77 -12.01 7.64
N ASN B 243 0.84 -11.06 7.50
CA ASN B 243 0.86 -9.88 8.35
C ASN B 243 -0.42 -9.77 9.19
N SER B 244 -0.49 -8.74 10.04
CA SER B 244 -1.54 -8.58 11.04
C SER B 244 -2.92 -8.39 10.41
N GLY B 245 -2.94 -8.10 9.10
CA GLY B 245 -4.18 -8.02 8.36
C GLY B 245 -4.90 -9.35 8.29
N THR B 246 -4.15 -10.43 8.43
CA THR B 246 -4.65 -11.80 8.27
C THR B 246 -4.55 -12.60 9.56
N ALA B 247 -3.42 -12.45 10.27
CA ALA B 247 -3.14 -13.26 11.46
C ALA B 247 -2.22 -12.55 12.44
N THR B 248 -2.31 -12.93 13.72
CA THR B 248 -1.43 -12.41 14.76
C THR B 248 -0.13 -13.22 14.75
N ALA B 249 0.90 -12.69 15.40
CA ALA B 249 2.14 -13.44 15.60
C ALA B 249 1.88 -14.73 16.39
N GLU B 250 0.99 -14.67 17.39
CA GLU B 250 0.73 -15.82 18.25
C GLU B 250 0.01 -16.94 17.51
N GLN B 251 -0.90 -16.57 16.61
CA GLN B 251 -1.54 -17.59 15.76
C GLN B 251 -0.51 -18.33 14.91
N GLN B 252 0.47 -17.61 14.35
CA GLN B 252 1.49 -18.25 13.53
C GLN B 252 2.46 -19.08 14.37
N ILE B 253 2.79 -18.59 15.58
CA ILE B 253 3.57 -19.37 16.55
C ILE B 253 2.85 -20.69 16.91
N ASP B 254 1.54 -20.59 17.15
CA ASP B 254 0.72 -21.76 17.46
C ASP B 254 0.65 -22.77 16.30
N ILE B 255 0.51 -22.27 15.07
CA ILE B 255 0.53 -23.13 13.89
C ILE B 255 1.83 -23.94 13.84
N LEU B 256 2.97 -23.27 14.02
CA LEU B 256 4.29 -23.93 14.03
C LEU B 256 4.44 -24.97 15.14
N THR B 257 3.99 -24.63 16.35
CA THR B 257 3.99 -25.57 17.47
C THR B 257 3.18 -26.81 17.07
N GLU B 258 1.99 -26.58 16.53
CA GLU B 258 1.12 -27.67 16.07
C GLU B 258 1.81 -28.53 14.99
N ALA B 259 2.42 -27.87 14.00
CA ALA B 259 3.09 -28.54 12.88
C ALA B 259 4.25 -29.45 13.29
N LYS B 260 4.92 -29.10 14.38
CA LYS B 260 6.07 -29.84 14.86
C LYS B 260 5.67 -31.15 15.53
N LYS B 261 4.37 -31.31 15.79
CA LYS B 261 3.85 -32.49 16.47
C LYS B 261 3.83 -33.70 15.55
N PRO B 262 4.00 -34.90 16.12
CA PRO B 262 3.92 -36.10 15.31
C PRO B 262 2.48 -36.53 15.09
N ASP B 263 1.58 -36.07 15.95
CA ASP B 263 0.24 -36.67 16.10
C ASP B 263 -0.92 -35.68 15.97
N SER B 264 -0.72 -34.60 15.21
CA SER B 264 -1.73 -33.55 15.11
C SER B 264 -2.93 -34.07 14.33
N PRO B 265 -4.14 -33.87 14.88
CA PRO B 265 -5.35 -34.15 14.10
C PRO B 265 -5.58 -33.07 13.04
N ILE B 266 -4.96 -31.90 13.24
CA ILE B 266 -5.11 -30.73 12.36
C ILE B 266 -4.02 -30.70 11.28
N ILE B 267 -2.76 -30.56 11.72
CA ILE B 267 -1.63 -30.57 10.78
C ILE B 267 -1.07 -31.99 10.64
N THR B 268 -1.71 -32.78 9.79
CA THR B 268 -1.35 -34.19 9.61
C THR B 268 -0.02 -34.40 8.87
N ASN B 269 0.43 -33.36 8.15
CA ASN B 269 1.74 -33.38 7.51
C ASN B 269 2.75 -32.66 8.36
N SER B 270 3.37 -33.41 9.28
CA SER B 270 4.30 -32.84 10.24
C SER B 270 5.54 -32.22 9.58
N ILE B 271 6.08 -31.18 10.23
CA ILE B 271 7.36 -30.59 9.83
C ILE B 271 8.49 -31.02 10.76
N GLN B 272 8.21 -32.05 11.58
CA GLN B 272 9.20 -32.64 12.49
C GLN B 272 10.44 -33.10 11.71
N GLY B 273 11.62 -32.77 12.21
CA GLY B 273 12.89 -33.21 11.60
C GLY B 273 13.39 -32.41 10.39
N LEU B 274 12.61 -31.43 9.96
CA LEU B 274 13.03 -30.59 8.85
C LEU B 274 13.77 -29.37 9.38
N ASP B 275 14.67 -28.84 8.57
CA ASP B 275 15.32 -27.58 8.89
C ASP B 275 14.32 -26.49 8.56
N LEU B 276 14.04 -25.65 9.55
CA LEU B 276 12.96 -24.67 9.42
C LEU B 276 13.45 -23.26 9.10
N PHE B 277 12.86 -22.70 8.04
CA PHE B 277 13.18 -21.36 7.57
C PHE B 277 11.89 -20.56 7.70
N PHE B 278 12.00 -19.30 8.11
CA PHE B 278 10.85 -18.41 8.17
C PHE B 278 10.97 -17.36 7.08
N LYS B 279 9.99 -17.30 6.19
CA LYS B 279 9.92 -16.21 5.24
C LYS B 279 8.76 -15.30 5.57
N GLY B 280 9.07 -14.21 6.28
CA GLY B 280 8.07 -13.23 6.68
C GLY B 280 7.51 -12.43 5.52
N HIS B 281 6.27 -11.98 5.67
CA HIS B 281 5.62 -11.07 4.74
C HIS B 281 6.41 -9.76 4.71
N PRO B 282 6.67 -9.18 3.52
CA PRO B 282 7.40 -7.91 3.39
C PRO B 282 6.84 -6.74 4.23
N SER B 283 5.54 -6.76 4.51
CA SER B 283 4.97 -5.64 5.28
C SER B 283 4.86 -5.92 6.79
N ALA B 284 5.05 -7.18 7.20
CA ALA B 284 4.88 -7.58 8.60
C ALA B 284 6.00 -7.04 9.46
N THR B 285 5.65 -6.62 10.67
CA THR B 285 6.59 -6.04 11.62
C THR B 285 6.72 -6.89 12.89
N TYR B 286 6.05 -8.03 12.93
CA TYR B 286 6.11 -8.90 14.11
C TYR B 286 6.91 -10.19 13.90
N ASN B 287 7.72 -10.22 12.84
CA ASN B 287 8.46 -11.42 12.45
C ASN B 287 9.48 -11.93 13.47
N GLN B 288 10.15 -11.01 14.15
CA GLN B 288 11.12 -11.41 15.18
C GLN B 288 10.48 -12.22 16.31
N GLN B 289 9.25 -11.87 16.68
CA GLN B 289 8.51 -12.64 17.70
C GLN B 289 8.26 -14.10 17.31
N ILE B 290 7.99 -14.34 16.04
CA ILE B 290 7.75 -15.70 15.54
C ILE B 290 9.08 -16.48 15.43
N ILE B 291 10.09 -15.83 14.87
CA ILE B 291 11.41 -16.43 14.63
C ILE B 291 12.07 -16.89 15.93
N ASP B 292 11.86 -16.11 16.99
CA ASP B 292 12.45 -16.40 18.29
C ASP B 292 11.73 -17.57 18.97
N ALA B 293 10.40 -17.50 19.02
CA ALA B 293 9.58 -18.58 19.59
C ALA B 293 9.91 -19.96 19.00
N HIS B 294 10.41 -20.00 17.76
CA HIS B 294 10.69 -21.27 17.10
C HIS B 294 12.13 -21.51 16.60
N ASN B 295 13.06 -20.61 16.93
CA ASN B 295 14.44 -20.72 16.48
C ASN B 295 14.57 -21.07 14.99
N MET B 296 13.99 -20.24 14.14
CA MET B 296 14.00 -20.55 12.71
C MET B 296 15.05 -19.72 11.96
N ILE B 297 15.51 -20.25 10.83
CA ILE B 297 16.42 -19.50 9.99
C ILE B 297 15.62 -18.42 9.27
N GLU B 298 16.01 -17.17 9.49
CA GLU B 298 15.33 -16.06 8.90
C GLU B 298 15.72 -15.83 7.44
N ILE B 299 14.71 -15.75 6.57
CA ILE B 299 14.91 -15.20 5.24
C ILE B 299 14.36 -13.79 5.32
N TYR B 300 15.23 -12.80 5.14
CA TYR B 300 14.84 -11.39 5.20
C TYR B 300 13.47 -11.12 4.55
N ASN B 301 12.54 -10.58 5.35
CA ASN B 301 11.15 -10.51 4.95
C ASN B 301 10.90 -9.66 3.72
N LYS B 302 11.73 -8.64 3.52
CA LYS B 302 11.59 -7.73 2.38
C LYS B 302 11.86 -8.39 1.02
N ILE B 303 12.56 -9.52 1.02
CA ILE B 303 12.83 -10.22 -0.24
C ILE B 303 11.56 -10.85 -0.81
N PRO B 304 11.11 -10.39 -1.99
CA PRO B 304 9.96 -11.03 -2.61
C PRO B 304 10.29 -12.50 -2.84
N PHE B 305 9.39 -13.38 -2.45
CA PHE B 305 9.61 -14.81 -2.67
C PHE B 305 9.87 -15.17 -4.14
N GLU B 306 9.33 -14.38 -5.07
CA GLU B 306 9.53 -14.56 -6.53
C GLU B 306 10.99 -14.48 -6.95
N ALA B 307 11.78 -13.70 -6.21
CA ALA B 307 13.23 -13.64 -6.40
C ALA B 307 13.91 -14.96 -6.03
N LEU B 308 13.44 -15.60 -4.96
CA LEU B 308 13.92 -16.96 -4.61
C LEU B 308 13.57 -17.98 -5.68
N ILE B 309 12.37 -17.85 -6.27
CA ILE B 309 11.94 -18.73 -7.36
C ILE B 309 12.78 -18.52 -8.62
N MET B 310 12.97 -17.26 -9.01
CA MET B 310 13.71 -16.98 -10.26
C MET B 310 15.17 -17.44 -10.19
N THR B 311 15.78 -17.28 -9.01
CA THR B 311 17.18 -17.65 -8.80
C THR B 311 17.37 -19.14 -8.46
N ASP B 312 16.29 -19.91 -8.51
CA ASP B 312 16.32 -21.34 -8.21
C ASP B 312 16.84 -21.63 -6.80
N ALA B 313 16.32 -20.90 -5.83
CA ALA B 313 16.70 -21.06 -4.43
C ALA B 313 15.49 -21.54 -3.65
N LEU B 314 15.02 -22.72 -4.00
CA LEU B 314 13.77 -23.26 -3.46
C LEU B 314 14.02 -24.31 -2.39
N PRO B 315 13.12 -24.44 -1.40
CA PRO B 315 13.24 -25.51 -0.41
C PRO B 315 12.63 -26.81 -0.91
N ASP B 316 12.59 -27.83 -0.05
CA ASP B 316 11.96 -29.13 -0.35
C ASP B 316 10.47 -29.09 -0.10
N ALA B 317 10.08 -28.29 0.89
CA ALA B 317 8.69 -28.22 1.34
C ALA B 317 8.35 -26.82 1.76
N VAL B 318 7.06 -26.52 1.71
N VAL B 318 7.06 -26.49 1.67
CA VAL B 318 6.55 -25.21 2.09
CA VAL B 318 6.55 -25.16 2.06
C VAL B 318 5.27 -25.42 2.92
C VAL B 318 5.19 -25.33 2.76
N GLY B 319 4.86 -24.38 3.64
CA GLY B 319 3.58 -24.36 4.36
C GLY B 319 3.44 -22.97 4.97
N GLY B 320 2.24 -22.63 5.41
CA GLY B 320 2.08 -21.35 6.09
C GLY B 320 0.71 -20.76 5.88
N MET B 321 0.68 -19.45 5.65
CA MET B 321 -0.58 -18.69 5.59
C MET B 321 -0.95 -18.41 4.15
N GLY B 322 -2.25 -18.32 3.87
CA GLY B 322 -2.74 -18.04 2.50
C GLY B 322 -2.06 -16.81 1.95
N SER B 323 -1.50 -16.91 0.74
CA SER B 323 -0.62 -15.87 0.18
C SER B 323 -0.48 -16.04 -1.31
N SER B 324 -0.22 -14.92 -2.00
CA SER B 324 0.12 -14.91 -3.42
C SER B 324 1.38 -15.73 -3.74
N VAL B 325 2.23 -15.96 -2.74
CA VAL B 325 3.47 -16.72 -2.94
CA VAL B 325 3.47 -16.74 -2.89
C VAL B 325 3.21 -18.13 -3.50
N PHE B 326 2.16 -18.79 -3.00
CA PHE B 326 1.85 -20.15 -3.42
C PHE B 326 1.44 -20.26 -4.89
N PHE B 327 1.09 -19.14 -5.51
CA PHE B 327 0.70 -19.08 -6.93
C PHE B 327 1.87 -19.19 -7.94
N SER B 328 3.05 -18.73 -7.55
CA SER B 328 4.22 -18.80 -8.43
C SER B 328 5.15 -19.94 -8.04
N LEU B 329 4.91 -20.53 -6.89
CA LEU B 329 5.70 -21.62 -6.37
C LEU B 329 5.63 -22.80 -7.35
N PRO B 330 6.79 -23.33 -7.79
CA PRO B 330 6.85 -24.52 -8.63
C PRO B 330 6.16 -25.74 -8.00
N ASN B 331 5.52 -26.54 -8.86
CA ASN B 331 4.89 -27.85 -8.57
C ASN B 331 5.69 -28.82 -7.75
N THR B 332 7.00 -28.70 -7.87
CA THR B 332 7.96 -29.66 -7.35
C THR B 332 8.19 -29.49 -5.84
N VAL B 333 7.79 -28.32 -5.33
CA VAL B 333 7.86 -28.04 -3.90
C VAL B 333 6.62 -28.63 -3.24
N GLU B 334 6.82 -29.51 -2.29
CA GLU B 334 5.72 -30.10 -1.52
C GLU B 334 5.01 -29.07 -0.62
N ASN B 335 3.69 -28.98 -0.74
CA ASN B 335 2.90 -28.13 0.12
C ASN B 335 2.33 -28.95 1.29
N LYS B 336 2.76 -28.63 2.50
CA LYS B 336 2.34 -29.40 3.67
C LYS B 336 0.99 -28.96 4.24
N PHE B 337 0.71 -27.66 4.19
CA PHE B 337 -0.53 -27.08 4.71
C PHE B 337 -0.59 -25.59 4.36
N ILE B 338 -1.81 -25.05 4.30
CA ILE B 338 -2.02 -23.60 4.24
C ILE B 338 -3.12 -23.22 5.22
N PHE B 339 -2.84 -22.26 6.09
CA PHE B 339 -3.86 -21.71 7.01
C PHE B 339 -4.48 -20.43 6.45
N TYR B 340 -5.79 -20.33 6.59
CA TYR B 340 -6.54 -19.18 6.14
C TYR B 340 -7.32 -18.57 7.30
N LYS B 341 -7.42 -17.26 7.31
CA LYS B 341 -8.38 -16.57 8.14
C LYS B 341 -9.68 -16.58 7.33
N SER B 342 -10.68 -17.31 7.79
CA SER B 342 -11.93 -17.38 7.06
C SER B 342 -13.12 -17.14 7.97
N ASP B 343 -14.01 -16.25 7.52
CA ASP B 343 -15.20 -15.88 8.27
C ASP B 343 -16.44 -16.56 7.68
N THR B 344 -16.30 -17.03 6.44
CA THR B 344 -17.27 -17.88 5.80
C THR B 344 -16.63 -19.27 5.78
N ASP B 345 -17.41 -20.34 5.58
CA ASP B 345 -16.78 -21.66 5.51
C ASP B 345 -15.99 -21.82 4.21
N ILE B 346 -15.20 -22.88 4.10
CA ILE B 346 -14.23 -22.98 3.00
C ILE B 346 -14.87 -23.03 1.61
N GLU B 347 -16.11 -23.55 1.52
CA GLU B 347 -16.82 -23.66 0.25
C GLU B 347 -17.20 -22.32 -0.38
N ASN B 348 -17.32 -21.30 0.46
CA ASN B 348 -17.69 -19.95 0.03
C ASN B 348 -16.52 -18.97 0.01
N ASN B 349 -15.30 -19.47 0.21
CA ASN B 349 -14.10 -18.65 0.23
C ASN B 349 -13.38 -18.74 -1.12
N ALA B 350 -13.45 -17.67 -1.90
CA ALA B 350 -12.88 -17.65 -3.26
C ALA B 350 -11.39 -18.00 -3.28
N LEU B 351 -10.63 -17.44 -2.34
CA LEU B 351 -9.19 -17.71 -2.26
C LEU B 351 -8.89 -19.20 -2.07
N ILE B 352 -9.55 -19.81 -1.08
CA ILE B 352 -9.34 -21.24 -0.81
C ILE B 352 -9.73 -22.09 -2.02
N GLN B 353 -10.92 -21.84 -2.56
CA GLN B 353 -11.48 -22.64 -3.64
C GLN B 353 -10.64 -22.59 -4.91
N VAL B 354 -10.18 -21.38 -5.29
CA VAL B 354 -9.34 -21.25 -6.48
C VAL B 354 -7.98 -21.97 -6.29
N MET B 355 -7.46 -21.95 -5.06
CA MET B 355 -6.20 -22.62 -4.77
C MET B 355 -6.35 -24.14 -4.80
N ILE B 356 -7.48 -24.67 -4.31
CA ILE B 356 -7.78 -26.10 -4.46
C ILE B 356 -7.92 -26.48 -5.95
N GLU B 357 -8.70 -25.70 -6.70
CA GLU B 357 -8.94 -25.93 -8.13
C GLU B 357 -7.65 -25.90 -8.96
N LEU B 358 -6.69 -25.06 -8.56
CA LEU B 358 -5.38 -24.96 -9.22
C LEU B 358 -4.36 -26.00 -8.72
N ASN B 359 -4.78 -26.85 -7.79
CA ASN B 359 -3.92 -27.89 -7.19
C ASN B 359 -2.68 -27.31 -6.51
N ILE B 360 -2.84 -26.10 -5.98
CA ILE B 360 -1.79 -25.45 -5.18
C ILE B 360 -1.71 -26.13 -3.80
N VAL B 361 -2.88 -26.50 -3.27
CA VAL B 361 -3.00 -27.15 -1.98
C VAL B 361 -4.09 -28.21 -2.08
N ASN B 362 -3.85 -29.38 -1.49
CA ASN B 362 -4.86 -30.45 -1.38
CA ASN B 362 -4.89 -30.40 -1.45
C ASN B 362 -5.98 -29.97 -0.46
N ARG B 363 -7.24 -30.27 -0.78
CA ARG B 363 -8.35 -29.87 0.10
C ARG B 363 -8.11 -30.29 1.56
N ASN B 364 -7.52 -31.46 1.75
CA ASN B 364 -7.29 -31.98 3.09
C ASN B 364 -6.19 -31.29 3.87
N ASP B 365 -5.42 -30.45 3.20
CA ASP B 365 -4.33 -29.68 3.81
C ASP B 365 -4.69 -28.20 3.98
N VAL B 366 -5.94 -27.87 3.67
CA VAL B 366 -6.52 -26.54 3.89
C VAL B 366 -6.98 -26.46 5.35
N LYS B 367 -6.43 -25.52 6.09
CA LYS B 367 -6.78 -25.32 7.50
C LYS B 367 -7.24 -23.91 7.75
N LEU B 368 -8.10 -23.76 8.76
CA LEU B 368 -8.56 -22.45 9.22
C LEU B 368 -7.87 -22.09 10.54
N ILE B 369 -7.60 -20.80 10.74
CA ILE B 369 -6.99 -20.34 11.99
C ILE B 369 -7.89 -20.74 13.17
N SER B 370 -9.20 -20.81 12.90
CA SER B 370 -10.22 -21.28 13.84
C SER B 370 -9.98 -22.72 14.33
N ASP B 371 -9.36 -23.55 13.51
CA ASP B 371 -9.09 -24.94 13.88
C ASP B 371 -8.22 -25.11 15.12
N LEU B 372 -7.42 -24.08 15.42
CA LEU B 372 -6.60 -24.09 16.63
C LEU B 372 -7.51 -23.90 17.85
N GLN B 373 -8.07 -25.03 18.31
CA GLN B 373 -9.11 -25.13 19.34
C GLN B 373 -9.60 -23.81 19.96
O3P C5P C . -3.47 21.38 5.94
P C5P C . -3.36 20.65 7.22
O1P C5P C . -1.95 20.15 7.34
O2P C5P C . -3.88 21.52 8.33
O5' C5P C . -4.31 19.38 7.07
C5' C5P C . -4.67 18.56 8.19
C4' C5P C . -5.82 17.66 7.74
O4' C5P C . -6.93 18.47 7.30
C3' C5P C . -5.45 16.84 6.51
O3' C5P C . -4.80 15.63 6.88
C2' C5P C . -6.79 16.56 5.88
O2' C5P C . -7.51 15.60 6.66
C1' C5P C . -7.53 17.85 6.14
N1 C5P C . -7.58 18.79 5.00
C2 C5P C . -8.53 18.55 3.99
N3 C5P C . -8.65 19.41 2.96
C4 C5P C . -7.84 20.50 2.87
C5 C5P C . -6.90 20.76 3.86
C6 C5P C . -6.79 19.88 4.94
O2 C5P C . -9.26 17.54 4.02
N4 C5P C . -8.00 21.34 1.82
ZN ZN D . -15.51 20.56 -18.37
C1 GOL E . -9.76 10.82 23.39
O1 GOL E . -10.64 11.54 22.55
C2 GOL E . -8.36 11.41 23.26
O2 GOL E . -7.99 11.37 21.91
C3 GOL E . -8.42 12.86 23.79
O3 GOL E . -9.43 12.99 24.79
C1 GOL F . 0.13 18.08 10.63
O1 GOL F . 0.43 17.06 11.56
C2 GOL F . -0.84 19.10 11.19
O2 GOL F . -1.59 19.61 10.13
C3 GOL F . -0.06 20.23 11.85
O3 GOL F . -0.43 20.33 13.20
C1 GOL G . -17.53 22.36 -13.82
O1 GOL G . -17.15 21.51 -14.86
C2 GOL G . -16.83 23.72 -13.93
O2 GOL G . -16.74 24.09 -15.30
C3 GOL G . -15.46 23.62 -13.29
O3 GOL G . -14.49 24.27 -14.07
C1 GOL H . 2.42 7.68 -0.68
O1 GOL H . 2.46 8.17 -2.00
C2 GOL H . 1.09 7.98 -0.01
O2 GOL H . 0.03 7.57 -0.86
C3 GOL H . 1.02 7.17 1.27
O3 GOL H . 0.64 7.93 2.39
CL CL I . -10.45 30.51 7.70
CL CL J . -14.68 15.66 -15.62
O3P C5P K . 0.53 -12.66 0.88
P C5P K . 0.31 -11.62 -0.17
O1P C5P K . -0.75 -12.11 -1.11
O2P C5P K . 0.15 -10.25 0.45
O5' C5P K . 1.70 -11.58 -0.97
C5' C5P K . 2.02 -10.54 -1.89
C4' C5P K . 3.50 -10.64 -2.22
O4' C5P K . 4.33 -10.45 -1.06
C3' C5P K . 3.89 -11.99 -2.77
O3' C5P K . 3.72 -12.01 -4.19
C2' C5P K . 5.36 -12.08 -2.44
O2' C5P K . 6.15 -11.30 -3.35
C1' C5P K . 5.43 -11.35 -1.11
N1 C5P K . 5.44 -12.24 0.07
C2 C5P K . 6.68 -12.82 0.44
N3 C5P K . 6.76 -13.59 1.55
C4 C5P K . 5.67 -13.84 2.29
C5 C5P K . 4.43 -13.30 1.95
C6 C5P K . 4.34 -12.49 0.82
O2 C5P K . 7.70 -12.60 -0.25
N4 C5P K . 5.81 -14.64 3.38
ZN ZN L . 18.87 -30.04 10.56
C1 GOL M . -8.30 -11.41 12.48
O1 GOL M . -9.35 -11.80 13.34
C2 GOL M . -7.06 -11.07 13.29
O2 GOL M . -7.36 -10.07 14.25
C3 GOL M . -5.96 -10.55 12.37
O3 GOL M . -4.95 -9.95 13.13
C1 GOL N . 0.95 -25.46 -7.87
O1 GOL N . 0.06 -26.54 -8.05
C2 GOL N . 2.01 -25.74 -6.80
O2 GOL N . 1.57 -26.66 -5.81
C3 GOL N . 2.37 -24.43 -6.13
O3 GOL N . 2.17 -23.36 -7.03
C1 GOL O . -2.64 -10.20 -4.21
O1 GOL O . -2.70 -9.79 -5.57
C2 GOL O . -2.40 -9.03 -3.26
O2 GOL O . -2.90 -7.82 -3.82
C3 GOL O . -3.13 -9.30 -1.96
O3 GOL O . -4.53 -9.16 -2.17
C1 GOL P . 16.62 -0.93 -5.70
O1 GOL P . 15.23 -0.97 -5.92
C2 GOL P . 17.30 -1.88 -6.67
O2 GOL P . 17.10 -3.19 -6.23
C3 GOL P . 18.80 -1.59 -6.72
O3 GOL P . 19.14 -1.09 -8.00
C1 GOL Q . -27.48 -12.92 -23.19
O1 GOL Q . -28.50 -12.12 -23.69
C2 GOL Q . -26.17 -12.19 -23.34
O2 GOL Q . -25.39 -12.54 -22.23
C3 GOL Q . -25.49 -12.66 -24.61
O3 GOL Q . -24.18 -12.17 -24.76
CL CL R . 2.32 -7.20 10.95
CL CL S . 19.24 -28.47 5.25
#